data_3QML
#
_entry.id   3QML
#
_cell.length_a   226.353
_cell.length_b   116.586
_cell.length_c   55.844
_cell.angle_alpha   90.00
_cell.angle_beta   90.00
_cell.angle_gamma   90.00
#
_symmetry.space_group_name_H-M   'P 21 21 2'
#
loop_
_entity.id
_entity.type
_entity.pdbx_description
1 polymer '78 kDa glucose-regulated protein homolog'
2 polymer 'Nucleotide exchange factor SIL1'
3 non-polymer 'PHOSPHATE ION'
4 non-polymer 'MAGNESIUM ION'
5 water water
#
loop_
_entity_poly.entity_id
_entity_poly.type
_entity_poly.pdbx_seq_one_letter_code
_entity_poly.pdbx_strand_id
1 'polypeptide(L)'
;GMSHASADDVENYGTVIGIDLGTTYSCVAVMKNGKTEILANEQGNRITPSYVAFTDDERLIGDAAKNQVAANPQNTIFDI
KRLIGLKYNDRSVQKDIKHLPFNVVNKDGKPAVEVSVKGEKKVFTPEEISGMILGKMKQIAEDYLGTKVTHAVVTVPAYF
NDAQRQATKDAGTIAGLNVLRIVNEPTAAAIAYGLDKSDKEHQIIVYDLGGGTFDVSLLSIENGVFEVQATSGDTHLGGE
DFDYKIVRQLIKAFKKKHGIDVSDNNKALAKLKREAEKAKRALSSQMSTRIEIDSFVDGIDLSETLTRAKFEELNLDLFK
KTLKPVEKVLQDSGLEKKDVDDIVLVGGSTRIPKVQQLLESYFDGKKASKGINPDEAVAYGAAVQAGVLS
;
A,B
2 'polypeptide(L)'
;GMSHASSSEDMKASPGDYEFSSDFKEMRNIIDSNPTLSSQDIARLEDSFDRIMEFAHDYKHGYKIITHEFALLANLSLNE
NLPLTLRELSTRVITSCLRNNPPVVEFINESFPNFKSKIMAALSNLNDSNHRSSNILIKRYLSILNELPVTSEDLPIYST
VVLQNVYERNNKDKQLQIKVLELISKILKADMYENDDTNLILFKRNAENWSSNLQEWANEFQEMVQNKSIDELHTRTFFD
TLYNLKKIFKSDITINKGFLNWLAQQCKARQSNLDNGLQERDTEQDSFDKKLIDSRHLIFGNPMAHRIKNFRDEL
;
C,D
#
# COMPACT_ATOMS: atom_id res chain seq x y z
N ASN A 12 7.71 23.85 -6.33
CA ASN A 12 7.70 22.77 -7.30
C ASN A 12 6.59 21.73 -7.07
N TYR A 13 6.07 21.65 -5.85
CA TYR A 13 5.01 20.69 -5.52
C TYR A 13 3.62 21.18 -5.93
N GLY A 14 3.54 22.44 -6.33
CA GLY A 14 2.27 23.06 -6.63
C GLY A 14 1.47 23.19 -5.36
N THR A 15 0.15 23.20 -5.51
CA THR A 15 -0.74 23.09 -4.37
C THR A 15 -0.98 21.62 -4.13
N VAL A 16 -0.47 21.10 -3.03
CA VAL A 16 -0.64 19.68 -2.77
C VAL A 16 -1.88 19.35 -1.93
N ILE A 17 -2.62 18.34 -2.38
CA ILE A 17 -3.95 18.05 -1.86
C ILE A 17 -3.92 16.85 -0.92
N GLY A 18 -4.97 16.69 -0.13
CA GLY A 18 -5.11 15.54 0.73
C GLY A 18 -6.30 14.70 0.32
N ILE A 19 -6.07 13.40 0.19
CA ILE A 19 -7.11 12.51 -0.26
C ILE A 19 -7.31 11.30 0.65
N ASP A 20 -8.55 11.13 1.10
CA ASP A 20 -8.94 9.91 1.81
C ASP A 20 -9.53 8.97 0.78
N LEU A 21 -8.82 7.88 0.53
CA LEU A 21 -9.22 6.90 -0.45
C LEU A 21 -9.82 5.69 0.23
N GLY A 22 -11.13 5.74 0.44
CA GLY A 22 -11.78 4.71 1.23
C GLY A 22 -12.33 3.54 0.41
N THR A 23 -12.62 2.46 1.11
CA THR A 23 -13.32 1.32 0.55
C THR A 23 -14.59 1.73 -0.19
N THR A 24 -15.51 2.39 0.50
CA THR A 24 -16.79 2.75 -0.12
C THR A 24 -16.88 4.18 -0.65
N TYR A 25 -16.22 5.12 0.03
CA TYR A 25 -16.26 6.54 -0.31
C TYR A 25 -14.88 7.16 -0.25
N SER A 26 -14.66 8.17 -1.08
CA SER A 26 -13.41 8.90 -1.10
C SER A 26 -13.69 10.36 -0.85
N CYS A 27 -12.69 11.08 -0.37
CA CYS A 27 -12.92 12.46 0.04
C CYS A 27 -11.65 13.27 -0.18
N VAL A 28 -11.78 14.50 -0.70
CA VAL A 28 -10.59 15.30 -1.02
C VAL A 28 -10.62 16.67 -0.34
N ALA A 29 -9.46 17.11 0.13
CA ALA A 29 -9.40 18.36 0.88
C ALA A 29 -8.16 19.13 0.51
N VAL A 30 -8.15 20.41 0.86
CA VAL A 30 -6.99 21.25 0.55
C VAL A 30 -6.86 22.39 1.55
N MET A 31 -5.62 22.73 1.87
CA MET A 31 -5.31 23.87 2.71
C MET A 31 -5.22 25.15 1.87
N LYS A 32 -6.17 26.06 2.06
CA LYS A 32 -6.23 27.29 1.30
C LYS A 32 -6.25 28.50 2.25
N ASN A 33 -5.15 29.27 2.24
CA ASN A 33 -4.99 30.43 3.11
C ASN A 33 -4.97 30.02 4.58
N GLY A 34 -4.34 28.88 4.89
CA GLY A 34 -4.28 28.38 6.24
C GLY A 34 -5.58 27.84 6.80
N LYS A 35 -6.63 27.77 5.98
CA LYS A 35 -7.84 27.04 6.38
C LYS A 35 -7.89 25.76 5.54
N THR A 36 -8.35 24.66 6.14
CA THR A 36 -8.55 23.45 5.37
C THR A 36 -10.01 23.30 4.94
N GLU A 37 -10.24 23.12 3.65
CA GLU A 37 -11.60 22.97 3.16
C GLU A 37 -11.78 21.60 2.55
N ILE A 38 -12.89 20.93 2.91
CA ILE A 38 -13.34 19.70 2.25
C ILE A 38 -14.07 20.11 0.96
N LEU A 39 -13.77 19.45 -0.14
CA LEU A 39 -14.20 19.94 -1.45
C LEU A 39 -15.36 19.12 -2.03
N ALA A 40 -16.45 19.79 -2.37
CA ALA A 40 -17.59 19.09 -2.96
C ALA A 40 -17.35 18.77 -4.45
N ASN A 41 -17.89 17.64 -4.89
CA ASN A 41 -17.74 17.26 -6.30
C ASN A 41 -18.72 17.97 -7.23
N GLU A 42 -18.73 17.56 -8.49
CA GLU A 42 -19.57 18.17 -9.51
C GLU A 42 -21.06 18.04 -9.15
N GLN A 43 -21.39 17.00 -8.39
CA GLN A 43 -22.77 16.74 -7.93
C GLN A 43 -23.12 17.42 -6.60
N GLY A 44 -22.18 18.18 -6.04
CA GLY A 44 -22.42 18.88 -4.78
C GLY A 44 -22.10 18.10 -3.54
N ASN A 45 -21.47 16.93 -3.70
CA ASN A 45 -21.26 16.06 -2.55
C ASN A 45 -19.81 16.12 -2.06
N ARG A 46 -19.65 16.15 -0.74
CA ARG A 46 -18.35 16.34 -0.09
C ARG A 46 -17.60 15.03 0.06
N ILE A 47 -18.31 13.96 -0.23
CA ILE A 47 -17.81 12.60 -0.13
C ILE A 47 -18.22 11.92 -1.46
N THR A 48 -17.34 11.14 -2.09
CA THR A 48 -17.55 10.54 -3.42
C THR A 48 -17.43 9.01 -3.40
N PRO A 49 -18.45 8.29 -3.94
CA PRO A 49 -18.42 6.82 -3.92
C PRO A 49 -17.20 6.31 -4.67
N SER A 50 -16.54 5.31 -4.10
CA SER A 50 -15.36 4.69 -4.70
C SER A 50 -15.83 3.64 -5.71
N TYR A 51 -16.40 4.09 -6.81
CA TYR A 51 -17.03 3.21 -7.81
C TYR A 51 -16.54 3.55 -9.21
N VAL A 52 -16.44 2.54 -10.07
CA VAL A 52 -16.09 2.78 -11.48
C VAL A 52 -16.95 1.90 -12.37
N ALA A 53 -17.56 2.48 -13.39
CA ALA A 53 -18.47 1.70 -14.23
C ALA A 53 -18.11 1.81 -15.70
N PHE A 54 -18.15 0.67 -16.39
CA PHE A 54 -17.84 0.64 -17.81
C PHE A 54 -19.09 0.41 -18.63
N THR A 55 -19.35 1.33 -19.56
CA THR A 55 -20.42 1.17 -20.53
C THR A 55 -19.79 1.23 -21.89
N ASP A 56 -20.61 1.03 -22.92
CA ASP A 56 -20.12 1.07 -24.29
C ASP A 56 -19.48 2.43 -24.55
N ASP A 57 -20.17 3.49 -24.16
CA ASP A 57 -19.74 4.85 -24.47
C ASP A 57 -18.98 5.55 -23.36
N GLU A 58 -19.14 5.09 -22.13
CA GLU A 58 -18.60 5.82 -20.98
C GLU A 58 -17.72 5.00 -20.03
N ARG A 59 -16.73 5.67 -19.46
CA ARG A 59 -16.09 5.21 -18.22
C ARG A 59 -16.60 6.10 -17.07
N LEU A 60 -17.62 5.65 -16.35
CA LEU A 60 -18.21 6.45 -15.26
C LEU A 60 -17.45 6.28 -13.97
N ILE A 61 -17.19 7.40 -13.29
CA ILE A 61 -16.52 7.39 -11.98
C ILE A 61 -17.26 8.16 -10.90
N GLY A 62 -17.56 7.47 -9.81
CA GLY A 62 -18.07 8.12 -8.62
C GLY A 62 -19.58 8.10 -8.51
N ASP A 63 -20.17 9.29 -8.42
CA ASP A 63 -21.61 9.36 -8.31
C ASP A 63 -22.25 8.75 -9.55
N ALA A 64 -21.84 9.23 -10.72
CA ALA A 64 -22.39 8.69 -11.97
C ALA A 64 -22.31 7.15 -12.03
N ALA A 65 -21.23 6.59 -11.49
CA ALA A 65 -21.02 5.16 -11.57
C ALA A 65 -21.93 4.41 -10.63
N LYS A 66 -22.11 4.94 -9.43
CA LYS A 66 -22.89 4.24 -8.42
C LYS A 66 -24.39 4.31 -8.70
N ASN A 67 -24.80 5.36 -9.41
CA ASN A 67 -26.20 5.52 -9.76
C ASN A 67 -26.66 4.49 -10.79
N GLN A 68 -25.79 4.17 -11.74
CA GLN A 68 -26.12 3.20 -12.79
C GLN A 68 -25.62 1.80 -12.45
N VAL A 69 -25.49 1.50 -11.17
CA VAL A 69 -25.02 0.19 -10.78
C VAL A 69 -26.08 -0.83 -11.15
N ALA A 70 -27.32 -0.52 -10.77
CA ALA A 70 -28.47 -1.43 -10.91
C ALA A 70 -28.52 -2.26 -12.19
N ALA A 71 -28.66 -1.59 -13.33
CA ALA A 71 -28.82 -2.28 -14.61
C ALA A 71 -27.49 -2.58 -15.30
N ASN A 72 -26.39 -2.48 -14.57
CA ASN A 72 -25.08 -2.80 -15.11
C ASN A 72 -24.18 -3.48 -14.08
N PRO A 73 -24.73 -4.46 -13.36
CA PRO A 73 -24.15 -5.00 -12.14
C PRO A 73 -22.84 -5.78 -12.30
N GLN A 74 -22.28 -5.87 -13.49
CA GLN A 74 -21.02 -6.59 -13.64
C GLN A 74 -19.95 -5.84 -14.42
N ASN A 75 -20.28 -4.66 -14.92
CA ASN A 75 -19.25 -3.74 -15.37
C ASN A 75 -18.99 -2.63 -14.34
N THR A 76 -19.63 -2.72 -13.16
CA THR A 76 -19.49 -1.71 -12.13
C THR A 76 -18.60 -2.19 -10.99
N ILE A 77 -17.43 -1.56 -10.85
CA ILE A 77 -16.43 -2.00 -9.90
C ILE A 77 -16.51 -1.20 -8.60
N PHE A 78 -16.52 -1.92 -7.47
CA PHE A 78 -16.52 -1.31 -6.14
C PHE A 78 -15.70 -2.18 -5.20
N ASP A 79 -15.39 -1.67 -4.01
CA ASP A 79 -14.60 -2.39 -3.02
C ASP A 79 -13.22 -2.79 -3.53
N ILE A 80 -12.68 -2.07 -4.50
CA ILE A 80 -11.39 -2.50 -5.05
C ILE A 80 -10.32 -2.44 -3.95
N LYS A 81 -10.52 -1.58 -2.96
CA LYS A 81 -9.57 -1.47 -1.86
C LYS A 81 -9.34 -2.80 -1.15
N ARG A 82 -10.27 -3.74 -1.29
CA ARG A 82 -10.10 -5.06 -0.71
C ARG A 82 -9.05 -5.90 -1.44
N LEU A 83 -8.69 -5.49 -2.64
CA LEU A 83 -7.82 -6.29 -3.49
C LEU A 83 -6.45 -5.67 -3.65
N ILE A 84 -6.36 -4.36 -3.44
CA ILE A 84 -5.14 -3.65 -3.83
C ILE A 84 -3.92 -4.12 -3.06
N GLY A 85 -2.81 -4.30 -3.77
CA GLY A 85 -1.56 -4.77 -3.17
C GLY A 85 -1.49 -6.23 -2.78
N LEU A 86 -2.59 -6.97 -2.92
CA LEU A 86 -2.66 -8.35 -2.47
C LEU A 86 -2.45 -9.38 -3.60
N LYS A 87 -2.19 -10.63 -3.19
CA LYS A 87 -1.97 -11.74 -4.12
C LYS A 87 -3.25 -12.53 -4.36
N TYR A 88 -3.39 -13.06 -5.58
CA TYR A 88 -4.58 -13.82 -5.98
C TYR A 88 -4.84 -15.04 -5.08
N ASN A 89 -3.77 -15.67 -4.60
CA ASN A 89 -3.90 -16.83 -3.72
C ASN A 89 -4.18 -16.48 -2.27
N ASP A 90 -4.11 -15.20 -1.93
CA ASP A 90 -4.33 -14.80 -0.55
C ASP A 90 -5.69 -15.24 -0.05
N ARG A 91 -5.73 -15.79 1.17
CA ARG A 91 -7.01 -16.17 1.76
C ARG A 91 -8.08 -15.09 1.62
N SER A 92 -7.78 -13.85 2.00
CA SER A 92 -8.81 -12.80 2.02
C SER A 92 -9.31 -12.47 0.61
N VAL A 93 -8.42 -12.52 -0.37
CA VAL A 93 -8.84 -12.29 -1.75
C VAL A 93 -9.80 -13.38 -2.23
N GLN A 94 -9.49 -14.63 -1.89
CA GLN A 94 -10.38 -15.74 -2.23
C GLN A 94 -11.75 -15.57 -1.60
N LYS A 95 -11.78 -15.23 -0.31
CA LYS A 95 -13.07 -15.08 0.36
C LYS A 95 -13.84 -13.90 -0.23
N ASP A 96 -13.15 -12.78 -0.46
CA ASP A 96 -13.80 -11.56 -0.92
C ASP A 96 -14.35 -11.73 -2.32
N ILE A 97 -13.66 -12.53 -3.12
CA ILE A 97 -14.03 -12.73 -4.52
C ILE A 97 -15.43 -13.32 -4.71
N LYS A 98 -15.83 -14.23 -3.83
CA LYS A 98 -17.16 -14.81 -3.89
C LYS A 98 -18.29 -13.78 -3.84
N HIS A 99 -18.16 -12.82 -2.93
CA HIS A 99 -19.24 -11.86 -2.67
C HIS A 99 -19.23 -10.71 -3.65
N LEU A 100 -18.48 -10.86 -4.74
CA LEU A 100 -18.40 -9.82 -5.75
C LEU A 100 -19.23 -10.19 -6.96
N PRO A 101 -20.05 -9.25 -7.44
CA PRO A 101 -20.86 -9.46 -8.64
C PRO A 101 -20.11 -9.16 -9.94
N PHE A 102 -18.81 -8.86 -9.87
CA PHE A 102 -18.02 -8.68 -11.09
C PHE A 102 -16.88 -9.70 -11.19
N ASN A 103 -16.27 -9.81 -12.36
CA ASN A 103 -15.29 -10.88 -12.55
C ASN A 103 -13.86 -10.53 -12.12
N VAL A 104 -13.23 -11.41 -11.34
CA VAL A 104 -11.86 -11.22 -10.86
C VAL A 104 -10.99 -12.38 -11.34
N VAL A 105 -10.00 -12.05 -12.17
CA VAL A 105 -9.13 -13.08 -12.72
C VAL A 105 -7.73 -12.96 -12.14
N ASN A 106 -7.00 -14.07 -12.14
CA ASN A 106 -5.60 -14.08 -11.79
C ASN A 106 -4.74 -13.62 -12.95
N LYS A 107 -4.04 -12.51 -12.73
CA LYS A 107 -3.10 -11.96 -13.68
C LYS A 107 -1.77 -11.88 -12.96
N ASP A 108 -0.83 -12.72 -13.39
CA ASP A 108 0.50 -12.77 -12.78
C ASP A 108 0.45 -12.93 -11.26
N GLY A 109 -0.55 -13.65 -10.76
CA GLY A 109 -0.60 -13.92 -9.34
C GLY A 109 -1.34 -12.88 -8.50
N LYS A 110 -1.66 -11.75 -9.12
CA LYS A 110 -2.43 -10.67 -8.50
C LYS A 110 -3.88 -10.66 -9.02
N PRO A 111 -4.83 -10.28 -8.14
CA PRO A 111 -6.21 -10.16 -8.62
C PRO A 111 -6.34 -8.95 -9.54
N ALA A 112 -7.24 -9.06 -10.51
CA ALA A 112 -7.46 -8.03 -11.52
C ALA A 112 -8.92 -8.16 -11.93
N VAL A 113 -9.56 -7.05 -12.27
CA VAL A 113 -10.96 -7.11 -12.65
C VAL A 113 -11.08 -7.24 -14.17
N GLU A 114 -12.08 -8.01 -14.61
CA GLU A 114 -12.35 -8.20 -16.05
C GLU A 114 -13.76 -7.77 -16.42
N VAL A 115 -13.86 -6.75 -17.27
CA VAL A 115 -15.18 -6.24 -17.69
C VAL A 115 -15.35 -6.38 -19.21
N SER A 116 -16.56 -6.10 -19.70
CA SER A 116 -16.86 -6.30 -21.11
C SER A 116 -17.31 -5.02 -21.82
N VAL A 117 -16.39 -4.42 -22.57
CA VAL A 117 -16.70 -3.30 -23.46
C VAL A 117 -15.84 -3.31 -24.73
N LYS A 118 -16.39 -3.78 -25.85
CA LYS A 118 -17.73 -4.36 -25.93
C LYS A 118 -17.90 -4.94 -27.32
N GLY A 119 -18.41 -6.16 -27.39
CA GLY A 119 -18.64 -6.96 -26.20
C GLY A 119 -17.39 -7.78 -25.96
N GLU A 120 -16.26 -7.08 -25.84
CA GLU A 120 -14.97 -7.73 -25.65
C GLU A 120 -14.48 -7.58 -24.22
N LYS A 121 -13.59 -8.48 -23.81
CA LYS A 121 -13.11 -8.49 -22.44
C LYS A 121 -11.91 -7.55 -22.22
N LYS A 122 -12.01 -6.69 -21.21
CA LYS A 122 -10.92 -5.83 -20.80
C LYS A 122 -10.57 -6.02 -19.31
N VAL A 123 -9.28 -6.00 -19.01
CA VAL A 123 -8.78 -6.29 -17.67
C VAL A 123 -8.03 -5.12 -17.07
N PHE A 124 -8.37 -4.76 -15.82
CA PHE A 124 -7.74 -3.64 -15.11
C PHE A 124 -7.27 -4.09 -13.76
N THR A 125 -6.06 -3.69 -13.38
CA THR A 125 -5.52 -3.98 -12.05
C THR A 125 -6.24 -3.15 -10.96
N PRO A 126 -6.06 -3.53 -9.68
CA PRO A 126 -6.58 -2.69 -8.59
C PRO A 126 -5.90 -1.31 -8.56
N GLU A 127 -4.63 -1.25 -8.92
CA GLU A 127 -3.93 0.03 -9.10
C GLU A 127 -4.64 0.96 -10.08
N GLU A 128 -5.12 0.40 -11.19
CA GLU A 128 -5.70 1.21 -12.26
C GLU A 128 -7.10 1.72 -11.88
N ILE A 129 -7.86 0.86 -11.21
CA ILE A 129 -9.20 1.25 -10.79
C ILE A 129 -9.05 2.31 -9.69
N SER A 130 -8.13 2.05 -8.78
CA SER A 130 -7.81 3.04 -7.78
C SER A 130 -7.36 4.34 -8.44
N GLY A 131 -6.52 4.24 -9.47
CA GLY A 131 -6.02 5.43 -10.15
C GLY A 131 -7.14 6.21 -10.83
N MET A 132 -8.16 5.49 -11.28
CA MET A 132 -9.31 6.17 -11.85
C MET A 132 -10.05 6.96 -10.78
N ILE A 133 -10.18 6.39 -9.58
CA ILE A 133 -10.84 7.07 -8.46
C ILE A 133 -10.00 8.26 -8.02
N LEU A 134 -8.69 8.05 -7.89
CA LEU A 134 -7.79 9.16 -7.50
C LEU A 134 -7.84 10.29 -8.53
N GLY A 135 -8.00 9.95 -9.82
CA GLY A 135 -7.99 10.97 -10.85
C GLY A 135 -9.20 11.89 -10.76
N LYS A 136 -10.30 11.32 -10.32
CA LYS A 136 -11.54 12.06 -10.19
C LYS A 136 -11.47 13.02 -8.99
N MET A 137 -10.79 12.58 -7.92
CA MET A 137 -10.58 13.40 -6.74
C MET A 137 -9.66 14.55 -7.09
N LYS A 138 -8.58 14.25 -7.80
CA LYS A 138 -7.71 15.30 -8.28
C LYS A 138 -8.48 16.36 -9.08
N GLN A 139 -9.33 15.91 -9.99
CA GLN A 139 -10.02 16.87 -10.84
C GLN A 139 -11.05 17.69 -10.06
N ILE A 140 -11.62 17.13 -9.00
CA ILE A 140 -12.43 17.94 -8.10
C ILE A 140 -11.56 19.09 -7.53
N ALA A 141 -10.33 18.78 -7.14
CA ALA A 141 -9.46 19.81 -6.57
C ALA A 141 -9.03 20.86 -7.61
N GLU A 142 -8.98 20.46 -8.88
CA GLU A 142 -8.54 21.34 -9.99
C GLU A 142 -9.64 22.28 -10.41
N ASP A 143 -10.86 21.78 -10.50
CA ASP A 143 -12.01 22.64 -10.69
C ASP A 143 -12.06 23.75 -9.64
N TYR A 144 -11.80 23.36 -8.38
CA TYR A 144 -11.88 24.26 -7.23
C TYR A 144 -10.69 25.21 -7.19
N LEU A 145 -9.50 24.68 -7.39
CA LEU A 145 -8.37 25.58 -7.44
C LEU A 145 -8.39 26.14 -8.86
N GLY A 146 -7.55 27.10 -9.16
CA GLY A 146 -7.60 27.61 -10.51
C GLY A 146 -6.78 26.79 -11.49
N THR A 147 -6.26 25.65 -11.06
CA THR A 147 -5.23 25.00 -11.85
C THR A 147 -5.09 23.50 -11.71
N LYS A 148 -3.96 23.06 -12.23
CA LYS A 148 -3.53 21.68 -12.28
C LYS A 148 -2.91 21.39 -10.92
N VAL A 149 -3.15 20.20 -10.39
CA VAL A 149 -2.37 19.74 -9.23
C VAL A 149 -1.61 18.47 -9.60
N THR A 150 -0.42 18.33 -9.01
CA THR A 150 0.50 17.27 -9.42
C THR A 150 0.94 16.43 -8.24
N HIS A 151 0.64 16.89 -7.03
CA HIS A 151 1.09 16.20 -5.83
C HIS A 151 -0.02 16.09 -4.81
N ALA A 152 0.05 15.04 -4.02
CA ALA A 152 -0.99 14.75 -3.04
C ALA A 152 -0.38 14.01 -1.87
N VAL A 153 -1.09 14.07 -0.74
CA VAL A 153 -0.90 13.18 0.39
C VAL A 153 -2.08 12.22 0.40
N VAL A 154 -1.81 10.93 0.52
CA VAL A 154 -2.87 9.94 0.39
C VAL A 154 -2.82 9.06 1.60
N THR A 155 -4.00 8.70 2.11
CA THR A 155 -4.10 7.90 3.33
C THR A 155 -4.41 6.42 3.09
N VAL A 156 -3.93 5.55 3.98
CA VAL A 156 -4.26 4.14 3.92
C VAL A 156 -4.53 3.65 5.34
N PRO A 157 -5.23 2.51 5.47
CA PRO A 157 -5.40 1.91 6.80
C PRO A 157 -4.05 1.60 7.45
N ALA A 158 -4.01 1.62 8.78
CA ALA A 158 -2.73 1.50 9.47
C ALA A 158 -2.12 0.13 9.29
N TYR A 159 -2.93 -0.89 9.04
CA TYR A 159 -2.38 -2.23 8.89
C TYR A 159 -1.83 -2.53 7.52
N PHE A 160 -2.02 -1.61 6.58
CA PHE A 160 -1.55 -1.85 5.21
C PHE A 160 -0.07 -2.16 5.22
N ASN A 161 0.34 -3.15 4.43
CA ASN A 161 1.75 -3.49 4.30
C ASN A 161 2.47 -2.67 3.23
N ASP A 162 3.75 -2.93 3.05
CA ASP A 162 4.55 -2.25 2.05
C ASP A 162 4.00 -2.38 0.63
N ALA A 163 3.64 -3.60 0.22
CA ALA A 163 3.02 -3.81 -1.09
C ALA A 163 1.75 -2.97 -1.28
N GLN A 164 0.89 -2.94 -0.26
CA GLN A 164 -0.37 -2.16 -0.33
C GLN A 164 -0.12 -0.64 -0.40
N ARG A 165 0.98 -0.17 0.16
CA ARG A 165 1.25 1.27 0.17
C ARG A 165 1.84 1.70 -1.15
N GLN A 166 2.73 0.87 -1.67
CA GLN A 166 3.35 1.13 -2.98
C GLN A 166 2.24 1.10 -4.06
N ALA A 167 1.36 0.11 -3.97
CA ALA A 167 0.28 -0.01 -4.95
C ALA A 167 -0.62 1.23 -4.90
N THR A 168 -0.83 1.78 -3.70
CA THR A 168 -1.53 3.04 -3.57
C THR A 168 -0.79 4.23 -4.20
N LYS A 169 0.53 4.30 -4.01
CA LYS A 169 1.32 5.32 -4.69
C LYS A 169 1.30 5.09 -6.22
N ASP A 170 1.31 3.82 -6.64
CA ASP A 170 1.24 3.51 -8.08
C ASP A 170 -0.09 3.98 -8.69
N ALA A 171 -1.20 3.66 -8.02
CA ALA A 171 -2.48 4.22 -8.42
C ALA A 171 -2.41 5.74 -8.54
N GLY A 172 -1.68 6.41 -7.65
CA GLY A 172 -1.51 7.86 -7.77
C GLY A 172 -0.78 8.28 -9.05
N THR A 173 0.34 7.63 -9.32
CA THR A 173 1.04 7.86 -10.57
C THR A 173 0.08 7.75 -11.76
N ILE A 174 -0.75 6.73 -11.77
CA ILE A 174 -1.70 6.55 -12.86
C ILE A 174 -2.70 7.70 -12.94
N ALA A 175 -3.02 8.31 -11.79
CA ALA A 175 -3.88 9.50 -11.77
C ALA A 175 -3.12 10.78 -12.11
N GLY A 176 -1.82 10.66 -12.35
CA GLY A 176 -1.02 11.86 -12.59
C GLY A 176 -0.61 12.57 -11.31
N LEU A 177 -0.55 11.82 -10.21
CA LEU A 177 -0.19 12.35 -8.90
C LEU A 177 1.11 11.76 -8.40
N ASN A 178 2.04 12.61 -7.99
CA ASN A 178 3.16 12.14 -7.18
C ASN A 178 2.67 12.14 -5.72
N VAL A 179 2.56 10.95 -5.13
CA VAL A 179 2.15 10.85 -3.73
C VAL A 179 3.38 11.05 -2.87
N LEU A 180 3.50 12.26 -2.33
CA LEU A 180 4.66 12.64 -1.54
C LEU A 180 4.73 11.84 -0.25
N ARG A 181 3.56 11.47 0.27
CA ARG A 181 3.54 10.69 1.49
C ARG A 181 2.27 9.87 1.58
N ILE A 182 2.43 8.65 2.04
CA ILE A 182 1.31 7.83 2.39
C ILE A 182 1.17 7.94 3.91
N VAL A 183 0.00 8.42 4.34
CA VAL A 183 -0.31 8.61 5.74
C VAL A 183 -1.34 7.60 6.27
N ASN A 184 -1.12 7.14 7.50
CA ASN A 184 -2.06 6.24 8.17
C ASN A 184 -3.40 6.95 8.49
N GLU A 185 -4.50 6.28 8.18
CA GLU A 185 -5.82 6.88 8.37
C GLU A 185 -6.12 7.33 9.81
N PRO A 186 -5.79 6.50 10.82
CA PRO A 186 -6.11 6.96 12.18
C PRO A 186 -5.27 8.17 12.59
N THR A 187 -4.04 8.26 12.09
CA THR A 187 -3.22 9.43 12.35
C THR A 187 -3.80 10.71 11.73
N ALA A 188 -4.18 10.62 10.46
CA ALA A 188 -4.86 11.73 9.80
C ALA A 188 -6.04 12.28 10.62
N ALA A 189 -6.94 11.42 11.06
CA ALA A 189 -8.08 11.86 11.87
C ALA A 189 -7.62 12.50 13.19
N ALA A 190 -6.54 11.99 13.78
CA ALA A 190 -6.01 12.56 15.02
C ALA A 190 -5.48 13.94 14.73
N ILE A 191 -4.81 14.09 13.59
CA ILE A 191 -4.30 15.40 13.17
C ILE A 191 -5.46 16.34 12.92
N ALA A 192 -6.54 15.82 12.34
CA ALA A 192 -7.70 16.68 12.09
C ALA A 192 -8.28 17.25 13.40
N TYR A 193 -8.05 16.55 14.51
CA TYR A 193 -8.53 16.97 15.81
C TYR A 193 -7.46 17.73 16.61
N GLY A 194 -6.33 18.01 15.98
CA GLY A 194 -5.25 18.73 16.62
C GLY A 194 -4.70 17.99 17.83
N LEU A 195 -4.91 16.68 17.87
CA LEU A 195 -4.38 15.86 18.94
C LEU A 195 -2.86 15.74 18.90
N ASP A 196 -2.23 16.48 17.99
CA ASP A 196 -0.80 16.33 17.80
C ASP A 196 -0.03 17.45 18.50
N LYS A 197 -0.79 18.34 19.16
CA LYS A 197 -0.22 19.46 19.89
C LYS A 197 0.17 19.08 21.32
N SER A 198 0.50 17.81 21.54
CA SER A 198 1.02 17.36 22.82
C SER A 198 2.54 17.48 22.76
N ASP A 199 3.18 18.08 23.76
CA ASP A 199 2.60 18.45 25.07
C ASP A 199 2.34 17.23 25.92
N LYS A 200 3.43 16.56 26.29
CA LYS A 200 3.37 15.28 27.01
C LYS A 200 2.83 14.15 26.12
N GLU A 201 3.35 12.96 26.33
CA GLU A 201 2.85 11.78 25.63
C GLU A 201 1.37 11.56 25.89
N HIS A 202 0.61 11.38 24.81
CA HIS A 202 -0.82 11.04 24.87
C HIS A 202 -1.05 9.71 24.17
N GLN A 203 -2.06 8.98 24.63
CA GLN A 203 -2.44 7.72 24.04
C GLN A 203 -3.83 7.91 23.46
N ILE A 204 -3.92 7.82 22.14
CA ILE A 204 -5.18 8.05 21.45
C ILE A 204 -5.68 6.71 20.91
N ILE A 205 -6.96 6.45 21.12
CA ILE A 205 -7.63 5.34 20.48
C ILE A 205 -8.44 5.94 19.33
N VAL A 206 -8.26 5.40 18.14
CA VAL A 206 -9.09 5.78 17.02
C VAL A 206 -10.08 4.67 16.67
N TYR A 207 -11.36 4.98 16.74
CA TYR A 207 -12.40 4.01 16.52
C TYR A 207 -13.09 4.36 15.20
N ASP A 208 -12.86 3.52 14.19
CA ASP A 208 -13.16 3.88 12.79
C ASP A 208 -14.12 2.89 12.13
N LEU A 209 -15.39 3.23 12.16
CA LEU A 209 -16.44 2.34 11.71
C LEU A 209 -16.90 2.85 10.36
N GLY A 210 -16.42 2.20 9.29
CA GLY A 210 -16.74 2.64 7.95
C GLY A 210 -17.98 1.99 7.36
N GLY A 211 -18.15 2.13 6.05
CA GLY A 211 -19.28 1.52 5.36
C GLY A 211 -19.25 0.01 5.28
N GLY A 212 -18.06 -0.58 5.25
CA GLY A 212 -17.94 -2.02 5.12
C GLY A 212 -16.83 -2.63 5.97
N THR A 213 -16.06 -1.78 6.65
CA THR A 213 -14.90 -2.24 7.43
C THR A 213 -14.83 -1.52 8.78
N PHE A 214 -14.20 -2.16 9.74
CA PHE A 214 -14.05 -1.57 11.07
C PHE A 214 -12.60 -1.63 11.49
N ASP A 215 -12.03 -0.47 11.81
CA ASP A 215 -10.67 -0.39 12.34
C ASP A 215 -10.58 0.30 13.68
N VAL A 216 -9.73 -0.24 14.56
CA VAL A 216 -9.32 0.51 15.73
C VAL A 216 -7.80 0.47 15.86
N SER A 217 -7.22 1.59 16.27
CA SER A 217 -5.78 1.78 16.37
C SER A 217 -5.43 2.48 17.66
N LEU A 218 -4.38 2.04 18.33
CA LEU A 218 -3.87 2.77 19.48
C LEU A 218 -2.63 3.51 19.01
N LEU A 219 -2.68 4.84 19.06
CA LEU A 219 -1.57 5.67 18.65
C LEU A 219 -0.94 6.29 19.88
N SER A 220 0.36 6.48 19.82
CA SER A 220 1.05 7.29 20.80
C SER A 220 1.54 8.58 20.11
N ILE A 221 1.52 9.68 20.85
CA ILE A 221 2.04 10.94 20.35
C ILE A 221 2.87 11.61 21.43
N GLU A 222 4.10 11.93 21.10
CA GLU A 222 4.97 12.64 22.02
C GLU A 222 5.85 13.54 21.19
N ASN A 223 6.09 14.75 21.68
CA ASN A 223 6.88 15.72 20.93
C ASN A 223 6.20 16.13 19.61
N GLY A 224 5.18 15.39 19.20
CA GLY A 224 4.51 15.63 17.92
C GLY A 224 4.82 14.58 16.87
N VAL A 225 5.45 13.49 17.28
CA VAL A 225 5.68 12.34 16.44
C VAL A 225 4.65 11.25 16.76
N PHE A 226 3.87 10.85 15.76
CA PHE A 226 2.92 9.78 15.96
C PHE A 226 3.64 8.44 15.91
N GLU A 227 3.07 7.43 16.57
CA GLU A 227 3.54 6.06 16.49
C GLU A 227 2.38 5.09 16.70
N VAL A 228 2.17 4.19 15.76
CA VAL A 228 1.08 3.23 15.85
C VAL A 228 1.47 2.05 16.72
N GLN A 229 0.75 1.88 17.83
CA GLN A 229 1.08 0.87 18.82
C GLN A 229 0.45 -0.49 18.51
N ALA A 230 -0.84 -0.48 18.19
CA ALA A 230 -1.51 -1.73 17.82
C ALA A 230 -2.66 -1.42 16.90
N THR A 231 -3.12 -2.44 16.18
CA THR A 231 -4.33 -2.32 15.39
C THR A 231 -5.09 -3.61 15.49
N SER A 232 -6.40 -3.50 15.34
CA SER A 232 -7.24 -4.68 15.30
C SER A 232 -8.52 -4.24 14.62
N GLY A 233 -9.32 -5.19 14.19
CA GLY A 233 -10.57 -4.83 13.56
C GLY A 233 -11.25 -5.98 12.85
N ASP A 234 -12.20 -5.63 12.01
CA ASP A 234 -13.02 -6.60 11.29
C ASP A 234 -13.28 -6.12 9.87
N THR A 235 -12.76 -6.83 8.87
CA THR A 235 -12.91 -6.40 7.47
C THR A 235 -14.34 -6.56 6.93
N HIS A 236 -15.19 -7.26 7.66
CA HIS A 236 -16.59 -7.41 7.23
C HIS A 236 -17.60 -6.97 8.29
N LEU A 237 -17.50 -5.70 8.68
CA LEU A 237 -18.38 -5.09 9.65
C LEU A 237 -18.43 -3.57 9.40
N GLY A 238 -19.59 -3.06 9.03
CA GLY A 238 -19.72 -1.65 8.70
C GLY A 238 -21.16 -1.17 8.65
N GLY A 239 -21.32 0.10 8.33
CA GLY A 239 -22.64 0.70 8.28
C GLY A 239 -23.62 -0.04 7.41
N GLU A 240 -23.16 -0.53 6.26
CA GLU A 240 -24.03 -1.24 5.31
C GLU A 240 -24.67 -2.50 5.90
N ASP A 241 -23.90 -3.25 6.67
CA ASP A 241 -24.39 -4.37 7.49
C ASP A 241 -25.59 -4.01 8.40
N PHE A 242 -25.57 -2.82 9.00
CA PHE A 242 -26.69 -2.37 9.84
C PHE A 242 -27.93 -2.07 9.01
N ASP A 243 -27.73 -1.35 7.90
CA ASP A 243 -28.80 -1.07 6.95
C ASP A 243 -29.40 -2.35 6.44
N TYR A 244 -28.53 -3.29 6.09
CA TYR A 244 -28.97 -4.59 5.62
C TYR A 244 -29.91 -5.29 6.61
N LYS A 245 -29.64 -5.15 7.91
CA LYS A 245 -30.53 -5.75 8.91
C LYS A 245 -31.91 -5.12 8.85
N ILE A 246 -31.98 -3.82 8.56
CA ILE A 246 -33.30 -3.21 8.39
C ILE A 246 -34.01 -3.72 7.13
N VAL A 247 -33.28 -3.70 6.01
CA VAL A 247 -33.78 -4.24 4.74
C VAL A 247 -34.32 -5.66 4.92
N ARG A 248 -33.57 -6.50 5.61
CA ARG A 248 -34.00 -7.87 5.73
C ARG A 248 -35.26 -7.97 6.58
N GLN A 249 -35.31 -7.15 7.62
CA GLN A 249 -36.50 -7.04 8.49
C GLN A 249 -37.72 -6.60 7.65
N LEU A 250 -37.51 -5.70 6.70
CA LEU A 250 -38.60 -5.21 5.85
C LEU A 250 -39.06 -6.25 4.85
N ILE A 251 -38.10 -6.96 4.25
CA ILE A 251 -38.45 -7.99 3.29
C ILE A 251 -39.31 -9.04 3.95
N LYS A 252 -38.90 -9.49 5.13
CA LYS A 252 -39.68 -10.47 5.87
C LYS A 252 -41.07 -9.96 6.23
N ALA A 253 -41.15 -8.71 6.69
CA ALA A 253 -42.44 -8.15 7.11
C ALA A 253 -43.43 -8.15 5.95
N PHE A 254 -42.92 -7.84 4.77
CA PHE A 254 -43.75 -7.70 3.59
C PHE A 254 -44.20 -9.07 3.09
N LYS A 255 -43.34 -10.06 3.24
CA LYS A 255 -43.66 -11.42 2.80
C LYS A 255 -44.74 -12.05 3.65
N LYS A 256 -44.62 -11.87 4.96
CA LYS A 256 -45.58 -12.41 5.91
C LYS A 256 -46.96 -11.81 5.61
N LYS A 257 -46.96 -10.53 5.27
CA LYS A 257 -48.20 -9.78 5.08
C LYS A 257 -48.89 -9.96 3.71
N HIS A 258 -48.12 -10.07 2.63
CA HIS A 258 -48.72 -10.12 1.29
C HIS A 258 -48.34 -11.36 0.48
N GLY A 259 -47.42 -12.17 1.02
CA GLY A 259 -47.00 -13.37 0.31
C GLY A 259 -45.94 -13.17 -0.76
N ILE A 260 -45.55 -11.91 -1.01
CA ILE A 260 -44.58 -11.62 -2.08
C ILE A 260 -43.14 -11.48 -1.55
N ASP A 261 -42.21 -12.22 -2.15
CA ASP A 261 -40.79 -12.12 -1.81
C ASP A 261 -40.03 -11.21 -2.76
N VAL A 262 -39.63 -10.03 -2.27
CA VAL A 262 -38.98 -9.03 -3.12
C VAL A 262 -37.45 -9.16 -3.24
N SER A 263 -36.88 -10.21 -2.67
CA SER A 263 -35.44 -10.40 -2.67
C SER A 263 -34.83 -10.35 -4.07
N ASP A 264 -35.58 -10.79 -5.08
CA ASP A 264 -35.05 -10.80 -6.45
C ASP A 264 -35.44 -9.57 -7.28
N ASN A 265 -36.35 -8.75 -6.74
CA ASN A 265 -36.84 -7.58 -7.48
C ASN A 265 -35.91 -6.37 -7.26
N ASN A 266 -35.03 -6.10 -8.21
CA ASN A 266 -34.03 -5.04 -8.09
C ASN A 266 -34.57 -3.62 -7.88
N LYS A 267 -35.64 -3.28 -8.55
CA LYS A 267 -36.20 -1.95 -8.39
C LYS A 267 -36.77 -1.86 -6.98
N ALA A 268 -37.44 -2.91 -6.54
CA ALA A 268 -38.03 -2.89 -5.20
C ALA A 268 -36.91 -2.73 -4.18
N LEU A 269 -35.89 -3.58 -4.30
CA LEU A 269 -34.68 -3.52 -3.47
C LEU A 269 -34.03 -2.14 -3.41
N ALA A 270 -33.87 -1.49 -4.57
CA ALA A 270 -33.19 -0.21 -4.57
C ALA A 270 -33.95 0.79 -3.71
N LYS A 271 -35.27 0.80 -3.84
CA LYS A 271 -36.14 1.68 -3.07
C LYS A 271 -36.03 1.39 -1.58
N LEU A 272 -36.01 0.11 -1.25
CA LEU A 272 -35.95 -0.35 0.14
C LEU A 272 -34.63 0.07 0.80
N LYS A 273 -33.51 -0.22 0.16
CA LYS A 273 -32.20 0.13 0.73
C LYS A 273 -32.13 1.63 1.02
N ARG A 274 -32.72 2.44 0.16
CA ARG A 274 -32.67 3.88 0.36
C ARG A 274 -33.54 4.35 1.53
N GLU A 275 -34.74 3.78 1.66
CA GLU A 275 -35.62 4.14 2.75
C GLU A 275 -35.08 3.64 4.09
N ALA A 276 -34.32 2.55 4.04
CA ALA A 276 -33.79 1.89 5.22
C ALA A 276 -32.67 2.74 5.75
N GLU A 277 -31.91 3.30 4.82
CA GLU A 277 -30.90 4.29 5.17
C GLU A 277 -31.53 5.55 5.75
N LYS A 278 -32.67 5.99 5.21
CA LYS A 278 -33.32 7.17 5.77
C LYS A 278 -33.87 6.88 7.16
N ALA A 279 -34.33 5.64 7.38
CA ALA A 279 -34.89 5.20 8.67
C ALA A 279 -33.83 5.18 9.74
N LYS A 280 -32.66 4.65 9.38
CA LYS A 280 -31.56 4.53 10.31
C LYS A 280 -31.20 5.93 10.79
N ARG A 281 -31.03 6.84 9.84
CA ARG A 281 -30.72 8.23 10.16
C ARG A 281 -31.75 8.82 11.13
N ALA A 282 -33.04 8.53 10.93
CA ALA A 282 -34.09 9.04 11.81
C ALA A 282 -33.99 8.51 13.24
N LEU A 283 -33.70 7.22 13.36
CA LEU A 283 -33.57 6.55 14.64
C LEU A 283 -32.36 7.02 15.45
N SER A 284 -31.52 7.84 14.83
CA SER A 284 -30.42 8.47 15.54
C SER A 284 -30.93 9.64 16.35
N SER A 285 -32.16 10.08 16.08
CA SER A 285 -32.78 11.19 16.83
C SER A 285 -34.17 10.91 17.42
N GLN A 286 -34.90 9.95 16.85
CA GLN A 286 -36.23 9.55 17.31
C GLN A 286 -36.17 8.15 17.86
N MET A 287 -37.23 7.74 18.55
CA MET A 287 -37.26 6.44 19.22
C MET A 287 -37.97 5.36 18.41
N SER A 288 -38.73 5.80 17.40
CA SER A 288 -39.39 4.89 16.48
C SER A 288 -39.66 5.68 15.19
N THR A 289 -39.84 4.98 14.09
CA THR A 289 -40.14 5.64 12.82
C THR A 289 -41.05 4.74 11.98
N ARG A 290 -41.73 5.33 11.00
CA ARG A 290 -42.47 4.53 10.04
C ARG A 290 -41.71 4.49 8.70
N ILE A 291 -41.74 3.33 8.03
CA ILE A 291 -41.15 3.22 6.69
C ILE A 291 -42.24 2.89 5.68
N GLU A 292 -42.37 3.74 4.67
CA GLU A 292 -43.48 3.63 3.74
C GLU A 292 -42.97 3.79 2.34
N ILE A 293 -43.50 2.95 1.44
CA ILE A 293 -43.24 3.08 0.02
C ILE A 293 -44.52 2.89 -0.78
N ASP A 294 -44.91 3.90 -1.55
CA ASP A 294 -46.13 3.89 -2.36
C ASP A 294 -45.93 3.01 -3.61
N SER A 295 -46.90 2.17 -3.93
CA SER A 295 -46.83 1.28 -5.09
C SER A 295 -45.49 0.57 -5.10
N PHE A 296 -45.27 -0.24 -4.08
CA PHE A 296 -43.98 -0.83 -3.84
C PHE A 296 -43.76 -2.02 -4.78
N VAL A 297 -44.73 -2.94 -4.81
CA VAL A 297 -44.76 -4.03 -5.79
C VAL A 297 -46.21 -4.40 -6.04
N ASP A 298 -46.52 -4.67 -7.31
CA ASP A 298 -47.83 -5.22 -7.65
C ASP A 298 -49.00 -4.37 -7.11
N GLY A 299 -48.83 -3.05 -7.13
CA GLY A 299 -49.93 -2.17 -6.73
C GLY A 299 -50.06 -2.11 -5.22
N ILE A 300 -49.11 -2.74 -4.53
CA ILE A 300 -49.19 -2.82 -3.08
C ILE A 300 -48.24 -1.83 -2.40
N ASP A 301 -48.79 -1.05 -1.46
CA ASP A 301 -48.01 -0.06 -0.75
C ASP A 301 -47.34 -0.76 0.42
N LEU A 302 -46.10 -0.41 0.69
CA LEU A 302 -45.40 -0.89 1.86
C LEU A 302 -45.56 0.12 2.99
N SER A 303 -45.83 -0.37 4.19
CA SER A 303 -45.98 0.49 5.34
C SER A 303 -45.62 -0.34 6.55
N GLU A 304 -44.57 0.08 7.25
CA GLU A 304 -44.02 -0.72 8.33
C GLU A 304 -43.42 0.18 9.42
N THR A 305 -43.34 -0.30 10.65
CA THR A 305 -42.70 0.49 11.70
C THR A 305 -41.41 -0.14 12.15
N LEU A 306 -40.47 0.71 12.54
CA LEU A 306 -39.25 0.26 13.17
C LEU A 306 -38.96 1.12 14.41
N THR A 307 -38.71 0.47 15.54
CA THR A 307 -38.29 1.18 16.74
C THR A 307 -36.78 1.12 16.86
N ARG A 308 -36.20 2.11 17.52
CA ARG A 308 -34.79 2.12 17.83
C ARG A 308 -34.37 0.87 18.63
N ALA A 309 -35.23 0.43 19.54
CA ALA A 309 -35.02 -0.81 20.27
C ALA A 309 -34.86 -2.02 19.34
N LYS A 310 -35.78 -2.17 18.39
CA LYS A 310 -35.67 -3.28 17.45
C LYS A 310 -34.38 -3.14 16.60
N PHE A 311 -34.15 -1.94 16.05
CA PHE A 311 -32.96 -1.66 15.28
C PHE A 311 -31.67 -2.04 16.05
N GLU A 312 -31.63 -1.72 17.34
CA GLU A 312 -30.46 -2.02 18.18
C GLU A 312 -30.37 -3.50 18.51
N GLU A 313 -31.52 -4.10 18.77
CA GLU A 313 -31.55 -5.53 18.92
C GLU A 313 -31.05 -6.27 17.67
N LEU A 314 -31.56 -5.91 16.49
CA LEU A 314 -31.07 -6.49 15.24
C LEU A 314 -29.55 -6.44 15.14
N ASN A 315 -28.97 -5.33 15.59
CA ASN A 315 -27.54 -5.07 15.42
C ASN A 315 -26.61 -5.25 16.64
N LEU A 316 -27.12 -5.77 17.74
CA LEU A 316 -26.36 -5.80 18.98
C LEU A 316 -25.07 -6.64 18.94
N ASP A 317 -25.17 -7.88 18.44
CA ASP A 317 -23.97 -8.71 18.24
C ASP A 317 -22.92 -8.02 17.36
N LEU A 318 -23.36 -7.41 16.28
CA LEU A 318 -22.47 -6.60 15.44
C LEU A 318 -21.90 -5.42 16.21
N PHE A 319 -22.76 -4.62 16.84
CA PHE A 319 -22.28 -3.47 17.64
C PHE A 319 -21.29 -3.95 18.69
N LYS A 320 -21.60 -5.06 19.35
CA LYS A 320 -20.73 -5.57 20.42
C LYS A 320 -19.38 -6.05 19.90
N LYS A 321 -19.37 -6.68 18.73
CA LYS A 321 -18.12 -7.16 18.15
C LYS A 321 -17.08 -6.05 17.96
N THR A 322 -17.51 -4.79 17.98
CA THR A 322 -16.59 -3.67 17.82
C THR A 322 -15.71 -3.41 19.06
N LEU A 323 -16.13 -3.94 20.21
CA LEU A 323 -15.39 -3.77 21.44
C LEU A 323 -14.25 -4.78 21.58
N LYS A 324 -14.42 -5.96 21.01
CA LYS A 324 -13.37 -6.96 21.12
C LYS A 324 -12.06 -6.45 20.50
N PRO A 325 -12.13 -5.79 19.33
CA PRO A 325 -10.90 -5.15 18.83
C PRO A 325 -10.36 -4.03 19.75
N VAL A 326 -11.24 -3.32 20.42
CA VAL A 326 -10.79 -2.28 21.33
C VAL A 326 -9.97 -2.92 22.45
N GLU A 327 -10.54 -3.91 23.12
CA GLU A 327 -9.78 -4.63 24.15
C GLU A 327 -8.44 -5.16 23.62
N LYS A 328 -8.49 -5.94 22.54
CA LYS A 328 -7.28 -6.50 21.92
C LYS A 328 -6.18 -5.44 21.74
N VAL A 329 -6.58 -4.26 21.30
CA VAL A 329 -5.60 -3.20 21.10
C VAL A 329 -5.01 -2.69 22.45
N LEU A 330 -5.77 -2.82 23.53
CA LEU A 330 -5.25 -2.50 24.88
C LEU A 330 -4.36 -3.59 25.46
N GLN A 331 -4.83 -4.83 25.43
CA GLN A 331 -4.02 -5.99 25.78
C GLN A 331 -2.65 -5.94 25.08
N ASP A 332 -2.67 -5.92 23.75
CA ASP A 332 -1.46 -5.95 22.92
C ASP A 332 -0.47 -4.88 23.32
N SER A 333 -0.97 -3.67 23.54
CA SER A 333 -0.12 -2.54 23.90
C SER A 333 0.29 -2.59 25.37
N GLY A 334 -0.50 -3.27 26.19
CA GLY A 334 -0.27 -3.31 27.62
C GLY A 334 -1.04 -2.23 28.37
N LEU A 335 -1.71 -1.35 27.64
CA LEU A 335 -2.40 -0.22 28.28
C LEU A 335 -3.63 -0.64 29.05
N GLU A 336 -3.93 0.15 30.08
CA GLU A 336 -5.19 0.06 30.81
C GLU A 336 -6.09 1.14 30.22
N LYS A 337 -7.40 0.98 30.34
CA LYS A 337 -8.35 1.94 29.76
C LYS A 337 -8.08 3.35 30.25
N LYS A 338 -7.80 3.46 31.55
CA LYS A 338 -7.54 4.73 32.21
C LYS A 338 -6.38 5.49 31.57
N ASP A 339 -5.54 4.75 30.85
CA ASP A 339 -4.38 5.32 30.20
C ASP A 339 -4.69 5.95 28.84
N VAL A 340 -5.93 5.81 28.38
CA VAL A 340 -6.37 6.45 27.14
C VAL A 340 -6.78 7.90 27.40
N ASP A 341 -6.17 8.83 26.67
CA ASP A 341 -6.45 10.24 26.84
C ASP A 341 -7.54 10.76 25.90
N ASP A 342 -7.73 10.08 24.78
CA ASP A 342 -8.59 10.59 23.72
C ASP A 342 -9.19 9.44 22.93
N ILE A 343 -10.47 9.57 22.63
CA ILE A 343 -11.15 8.56 21.84
C ILE A 343 -11.69 9.29 20.59
N VAL A 344 -11.16 8.95 19.42
CA VAL A 344 -11.54 9.62 18.17
C VAL A 344 -12.46 8.76 17.34
N LEU A 345 -13.58 9.35 16.93
CA LEU A 345 -14.61 8.66 16.17
C LEU A 345 -14.49 8.97 14.65
N VAL A 346 -14.28 7.95 13.84
CA VAL A 346 -14.19 8.13 12.38
C VAL A 346 -15.25 7.27 11.71
N GLY A 347 -15.95 7.83 10.73
CA GLY A 347 -16.98 7.08 10.04
C GLY A 347 -18.37 7.46 10.50
N GLY A 348 -19.25 7.74 9.54
CA GLY A 348 -20.59 8.23 9.82
C GLY A 348 -21.45 7.37 10.76
N SER A 349 -21.19 6.07 10.76
CA SER A 349 -21.95 5.18 11.63
C SER A 349 -21.65 5.42 13.12
N THR A 350 -20.61 6.19 13.41
CA THR A 350 -20.30 6.47 14.79
C THR A 350 -21.34 7.41 15.40
N ARG A 351 -22.22 7.95 14.56
CA ARG A 351 -23.33 8.80 15.02
C ARG A 351 -24.54 8.01 15.54
N ILE A 352 -24.49 6.68 15.42
CA ILE A 352 -25.52 5.84 15.99
C ILE A 352 -25.40 5.84 17.54
N PRO A 353 -26.41 6.40 18.25
CA PRO A 353 -26.39 6.51 19.71
C PRO A 353 -25.93 5.24 20.45
N LYS A 354 -26.43 4.07 20.04
CA LYS A 354 -26.01 2.84 20.70
C LYS A 354 -24.52 2.57 20.48
N VAL A 355 -24.00 2.92 19.31
CA VAL A 355 -22.57 2.78 19.07
C VAL A 355 -21.76 3.70 20.02
N GLN A 356 -22.09 4.97 20.07
CA GLN A 356 -21.49 5.86 21.06
C GLN A 356 -21.62 5.29 22.49
N GLN A 357 -22.83 4.90 22.88
CA GLN A 357 -23.06 4.48 24.25
C GLN A 357 -22.19 3.29 24.67
N LEU A 358 -22.09 2.29 23.82
CA LEU A 358 -21.29 1.11 24.10
C LEU A 358 -19.82 1.44 24.32
N LEU A 359 -19.28 2.30 23.46
CA LEU A 359 -17.87 2.66 23.56
C LEU A 359 -17.60 3.45 24.83
N GLU A 360 -18.38 4.50 25.04
CA GLU A 360 -18.22 5.34 26.23
C GLU A 360 -18.36 4.49 27.47
N SER A 361 -19.41 3.69 27.50
CA SER A 361 -19.64 2.79 28.63
C SER A 361 -18.42 1.89 28.81
N TYR A 362 -17.83 1.45 27.70
CA TYR A 362 -16.62 0.63 27.76
C TYR A 362 -15.47 1.40 28.40
N PHE A 363 -15.43 2.70 28.17
CA PHE A 363 -14.38 3.49 28.77
C PHE A 363 -14.90 4.16 30.05
N ASP A 364 -15.81 3.45 30.72
CA ASP A 364 -16.34 3.91 32.00
C ASP A 364 -16.95 5.32 31.96
N GLY A 365 -17.45 5.71 30.79
CA GLY A 365 -18.23 6.92 30.67
C GLY A 365 -17.56 8.10 29.97
N LYS A 366 -16.30 7.94 29.57
CA LYS A 366 -15.58 9.10 29.02
C LYS A 366 -16.00 9.43 27.59
N LYS A 367 -16.07 10.72 27.29
CA LYS A 367 -16.62 11.19 26.03
C LYS A 367 -15.63 11.07 24.90
N ALA A 368 -16.12 10.62 23.76
CA ALA A 368 -15.32 10.57 22.56
C ALA A 368 -15.22 11.97 21.99
N SER A 369 -14.09 12.25 21.36
CA SER A 369 -13.89 13.48 20.64
C SER A 369 -14.67 13.38 19.33
N LYS A 370 -15.73 14.17 19.23
CA LYS A 370 -16.49 14.28 17.99
C LYS A 370 -16.87 15.75 17.82
N GLY A 371 -16.61 16.32 16.66
CA GLY A 371 -16.81 17.73 16.42
C GLY A 371 -16.51 18.07 14.97
N ILE A 372 -15.58 17.31 14.38
CA ILE A 372 -15.40 17.33 12.93
C ILE A 372 -16.33 16.27 12.37
N ASN A 373 -16.97 16.54 11.23
CA ASN A 373 -17.72 15.46 10.52
C ASN A 373 -16.85 14.19 10.46
N PRO A 374 -17.37 13.06 10.95
CA PRO A 374 -16.56 11.84 11.07
C PRO A 374 -16.28 11.17 9.72
N ASP A 375 -17.07 11.52 8.70
CA ASP A 375 -16.81 11.07 7.33
C ASP A 375 -15.70 11.89 6.67
N GLU A 376 -15.41 13.09 7.19
CA GLU A 376 -14.40 13.96 6.56
C GLU A 376 -13.07 14.14 7.32
N ALA A 377 -12.94 13.56 8.51
CA ALA A 377 -11.80 13.84 9.38
C ALA A 377 -10.46 13.37 8.79
N VAL A 378 -10.50 12.21 8.12
CA VAL A 378 -9.33 11.61 7.49
C VAL A 378 -8.79 12.49 6.37
N ALA A 379 -9.66 12.88 5.44
CA ALA A 379 -9.27 13.77 4.36
C ALA A 379 -8.73 15.08 4.91
N TYR A 380 -9.43 15.60 5.92
CA TYR A 380 -9.05 16.85 6.59
C TYR A 380 -7.61 16.79 7.12
N GLY A 381 -7.31 15.77 7.93
CA GLY A 381 -5.95 15.54 8.37
C GLY A 381 -4.97 15.35 7.21
N ALA A 382 -5.39 14.65 6.14
CA ALA A 382 -4.57 14.53 4.93
C ALA A 382 -4.19 15.89 4.33
N ALA A 383 -5.19 16.74 4.10
CA ALA A 383 -4.97 18.12 3.64
C ALA A 383 -4.06 18.95 4.58
N VAL A 384 -4.20 18.73 5.88
CA VAL A 384 -3.35 19.41 6.85
C VAL A 384 -1.88 19.02 6.66
N GLN A 385 -1.61 17.73 6.53
CA GLN A 385 -0.25 17.29 6.25
C GLN A 385 0.23 17.93 4.95
N ALA A 386 -0.57 17.81 3.89
CA ALA A 386 -0.15 18.24 2.54
C ALA A 386 0.37 19.68 2.52
N GLY A 387 -0.08 20.50 3.47
CA GLY A 387 0.48 21.83 3.66
C GLY A 387 1.90 21.69 4.20
N VAL A 388 2.74 21.03 3.41
CA VAL A 388 4.12 20.68 3.79
C VAL A 388 4.56 21.33 5.10
N GLY B 14 49.15 10.67 -32.12
CA GLY B 14 49.98 11.19 -31.05
C GLY B 14 50.35 10.11 -30.05
N THR B 15 49.56 10.00 -28.99
CA THR B 15 49.70 8.93 -28.00
C THR B 15 48.47 8.04 -28.03
N VAL B 16 48.56 6.95 -28.78
CA VAL B 16 47.42 6.08 -29.00
C VAL B 16 46.97 5.33 -27.73
N ILE B 17 45.66 5.30 -27.51
CA ILE B 17 45.06 4.66 -26.35
C ILE B 17 44.33 3.37 -26.73
N GLY B 18 44.10 2.51 -25.75
CA GLY B 18 43.42 1.25 -26.00
C GLY B 18 42.08 1.17 -25.31
N ILE B 19 41.01 1.49 -26.05
CA ILE B 19 39.65 1.44 -25.50
C ILE B 19 39.02 0.05 -25.63
N ASP B 20 38.81 -0.60 -24.49
CA ASP B 20 37.94 -1.77 -24.47
C ASP B 20 36.54 -1.23 -24.30
N LEU B 21 35.68 -1.44 -25.29
CA LEU B 21 34.31 -0.99 -25.15
C LEU B 21 33.40 -2.22 -24.97
N GLY B 22 33.14 -2.55 -23.71
CA GLY B 22 32.43 -3.78 -23.35
C GLY B 22 30.93 -3.68 -23.50
N THR B 23 30.25 -4.81 -23.48
CA THR B 23 28.79 -4.84 -23.44
C THR B 23 28.21 -4.17 -22.19
N THR B 24 28.80 -4.39 -21.02
CA THR B 24 28.26 -3.72 -19.84
C THR B 24 29.18 -2.59 -19.37
N TYR B 25 30.49 -2.80 -19.47
CA TYR B 25 31.47 -1.83 -19.00
C TYR B 25 32.63 -1.65 -19.99
N SER B 26 33.03 -0.41 -20.23
CA SER B 26 34.23 -0.16 -21.02
C SER B 26 35.40 0.40 -20.17
N CYS B 27 36.63 0.07 -20.57
CA CYS B 27 37.85 0.34 -19.80
C CYS B 27 38.95 1.01 -20.64
N VAL B 28 39.37 2.23 -20.26
CA VAL B 28 40.32 3.02 -21.03
C VAL B 28 41.78 3.00 -20.51
N ALA B 29 42.71 2.63 -21.38
CA ALA B 29 44.13 2.55 -21.02
C ALA B 29 45.01 3.36 -21.96
N VAL B 30 46.14 3.82 -21.43
CA VAL B 30 47.09 4.62 -22.21
C VAL B 30 48.54 4.16 -21.96
N MET B 31 49.36 4.24 -23.00
CA MET B 31 50.76 3.82 -22.90
C MET B 31 51.70 4.85 -23.52
N LYS B 32 52.74 5.21 -22.78
CA LYS B 32 53.76 6.13 -23.26
C LYS B 32 54.95 6.09 -22.31
N ASN B 33 56.16 6.17 -22.86
CA ASN B 33 57.38 6.05 -22.07
C ASN B 33 57.45 4.70 -21.35
N GLY B 34 56.71 3.73 -21.86
CA GLY B 34 56.79 2.36 -21.38
C GLY B 34 55.96 2.04 -20.15
N LYS B 35 54.89 2.80 -19.94
CA LYS B 35 54.00 2.55 -18.81
C LYS B 35 52.56 2.34 -19.24
N THR B 36 52.11 1.09 -19.18
CA THR B 36 50.72 0.74 -19.49
C THR B 36 49.85 0.91 -18.25
N GLU B 37 49.05 1.99 -18.23
CA GLU B 37 48.27 2.32 -17.05
C GLU B 37 46.78 2.58 -17.36
N ILE B 38 45.91 1.97 -16.58
CA ILE B 38 44.47 2.14 -16.75
C ILE B 38 43.94 3.38 -16.03
N LEU B 39 43.21 4.21 -16.79
CA LEU B 39 42.83 5.53 -16.33
C LEU B 39 41.43 5.51 -15.77
N ALA B 40 41.26 6.08 -14.57
CA ALA B 40 39.95 6.06 -13.92
C ALA B 40 39.06 7.22 -14.38
N ASN B 41 37.74 7.02 -14.28
CA ASN B 41 36.78 8.01 -14.77
C ASN B 41 36.53 9.16 -13.82
N GLU B 42 35.52 9.98 -14.13
CA GLU B 42 35.24 11.21 -13.37
C GLU B 42 34.41 10.90 -12.12
N GLN B 43 34.90 9.95 -11.33
CA GLN B 43 34.27 9.59 -10.06
C GLN B 43 35.08 8.48 -9.42
N GLY B 44 36.25 8.20 -10.00
CA GLY B 44 37.23 7.32 -9.37
C GLY B 44 37.36 5.93 -9.94
N ASN B 45 36.26 5.37 -10.42
CA ASN B 45 36.24 3.98 -10.87
C ASN B 45 37.04 3.76 -12.15
N ARG B 46 37.55 2.54 -12.31
CA ARG B 46 38.41 2.21 -13.44
C ARG B 46 37.61 1.57 -14.59
N ILE B 47 36.29 1.59 -14.45
CA ILE B 47 35.38 1.15 -15.51
C ILE B 47 34.10 1.95 -15.44
N THR B 48 33.56 2.29 -16.60
CA THR B 48 32.31 3.04 -16.69
C THR B 48 31.24 2.24 -17.42
N PRO B 49 30.02 2.24 -16.86
CA PRO B 49 28.85 1.61 -17.46
C PRO B 49 28.71 2.02 -18.91
N SER B 50 28.52 1.06 -19.82
CA SER B 50 28.18 1.39 -21.22
C SER B 50 26.70 1.75 -21.24
N TYR B 51 26.37 2.89 -20.64
CA TYR B 51 24.97 3.31 -20.50
C TYR B 51 24.79 4.72 -21.03
N VAL B 52 23.61 5.00 -21.53
CA VAL B 52 23.28 6.34 -22.02
C VAL B 52 21.84 6.57 -21.69
N ALA B 53 21.57 7.66 -20.99
CA ALA B 53 20.23 7.93 -20.50
C ALA B 53 19.71 9.27 -20.99
N PHE B 54 18.44 9.29 -21.40
CA PHE B 54 17.80 10.50 -21.91
C PHE B 54 16.75 11.04 -20.93
N THR B 55 17.00 12.24 -20.42
CA THR B 55 16.01 12.95 -19.63
C THR B 55 15.77 14.32 -20.26
N ASP B 56 15.13 15.19 -19.51
CA ASP B 56 14.90 16.55 -19.96
C ASP B 56 16.10 17.41 -19.60
N ASP B 57 16.38 17.49 -18.29
CA ASP B 57 17.49 18.28 -17.77
C ASP B 57 18.78 18.12 -18.60
N GLU B 58 19.00 16.93 -19.15
CA GLU B 58 20.15 16.69 -20.02
C GLU B 58 20.27 15.25 -20.53
N ARG B 59 21.48 14.88 -20.96
CA ARG B 59 21.77 13.56 -21.51
C ARG B 59 22.95 12.92 -20.78
N LEU B 60 22.69 11.83 -20.05
CA LEU B 60 23.68 11.21 -19.17
C LEU B 60 24.49 10.12 -19.86
N ILE B 61 25.80 10.11 -19.62
CA ILE B 61 26.66 9.05 -20.16
C ILE B 61 27.55 8.41 -19.09
N GLY B 62 27.33 7.13 -18.81
CA GLY B 62 28.17 6.41 -17.86
C GLY B 62 27.53 6.10 -16.52
N ASP B 63 28.22 6.44 -15.43
CA ASP B 63 27.71 6.10 -14.11
C ASP B 63 26.38 6.78 -13.84
N ALA B 64 26.32 8.07 -14.16
CA ALA B 64 25.10 8.83 -13.98
C ALA B 64 23.92 8.18 -14.70
N ALA B 65 24.16 7.66 -15.91
CA ALA B 65 23.13 6.96 -16.68
C ALA B 65 22.63 5.73 -15.93
N LYS B 66 23.57 4.87 -15.55
CA LYS B 66 23.22 3.64 -14.87
C LYS B 66 22.54 3.91 -13.52
N ASN B 67 22.99 4.94 -12.81
CA ASN B 67 22.42 5.19 -11.49
C ASN B 67 20.95 5.57 -11.54
N GLN B 68 20.51 6.12 -12.68
CA GLN B 68 19.11 6.53 -12.76
C GLN B 68 18.21 5.58 -13.53
N VAL B 69 18.68 4.37 -13.80
CA VAL B 69 17.93 3.42 -14.63
C VAL B 69 16.57 3.07 -14.04
N ALA B 70 16.58 2.61 -12.79
CA ALA B 70 15.36 2.13 -12.15
C ALA B 70 14.20 3.13 -12.26
N ALA B 71 14.52 4.40 -12.22
CA ALA B 71 13.48 5.43 -12.26
C ALA B 71 13.07 5.79 -13.69
N ASN B 72 14.00 5.64 -14.62
CA ASN B 72 13.78 6.04 -16.02
C ASN B 72 14.06 4.91 -16.98
N PRO B 73 13.22 3.86 -16.97
CA PRO B 73 13.52 2.64 -17.73
C PRO B 73 13.46 2.80 -19.25
N GLN B 74 12.32 3.23 -19.77
CA GLN B 74 12.10 3.35 -21.20
C GLN B 74 13.11 4.22 -21.93
N ASN B 75 13.81 5.09 -21.20
CA ASN B 75 14.77 6.00 -21.84
C ASN B 75 16.23 5.82 -21.37
N THR B 76 16.51 4.67 -20.78
CA THR B 76 17.87 4.34 -20.43
C THR B 76 18.35 3.18 -21.31
N ILE B 77 19.31 3.46 -22.20
CA ILE B 77 19.78 2.43 -23.14
C ILE B 77 21.03 1.69 -22.66
N PHE B 78 21.03 0.38 -22.86
CA PHE B 78 22.17 -0.44 -22.47
C PHE B 78 22.19 -1.66 -23.36
N ASP B 79 23.30 -2.40 -23.32
CA ASP B 79 23.46 -3.57 -24.17
C ASP B 79 23.37 -3.21 -25.65
N ILE B 80 23.80 -2.00 -26.01
CA ILE B 80 23.68 -1.56 -27.40
C ILE B 80 24.64 -2.33 -28.30
N LYS B 81 25.56 -3.03 -27.68
CA LYS B 81 26.56 -3.77 -28.40
C LYS B 81 26.03 -5.13 -28.87
N ARG B 82 24.81 -5.50 -28.47
CA ARG B 82 24.16 -6.70 -29.01
C ARG B 82 23.46 -6.36 -30.32
N LEU B 83 23.43 -5.07 -30.66
CA LEU B 83 22.64 -4.61 -31.79
C LEU B 83 23.53 -4.03 -32.90
N ILE B 84 24.73 -3.61 -32.53
CA ILE B 84 25.59 -2.89 -33.45
C ILE B 84 26.05 -3.78 -34.63
N GLY B 85 25.95 -3.21 -35.83
CA GLY B 85 26.35 -3.85 -37.07
C GLY B 85 25.37 -4.91 -37.59
N LEU B 86 24.28 -5.12 -36.85
CA LEU B 86 23.35 -6.20 -37.20
C LEU B 86 22.10 -5.70 -37.93
N LYS B 87 21.29 -6.65 -38.37
CA LYS B 87 20.10 -6.38 -39.17
C LYS B 87 18.85 -6.61 -38.32
N TYR B 88 17.85 -5.74 -38.48
CA TYR B 88 16.64 -5.85 -37.68
C TYR B 88 16.11 -7.29 -37.65
N ASN B 89 16.13 -7.95 -38.80
CA ASN B 89 15.58 -9.29 -38.93
C ASN B 89 16.54 -10.40 -38.54
N ASP B 90 17.78 -10.05 -38.23
CA ASP B 90 18.72 -11.05 -37.76
C ASP B 90 18.13 -11.74 -36.55
N ARG B 91 17.94 -13.05 -36.64
CA ARG B 91 17.43 -13.83 -35.53
C ARG B 91 17.84 -13.24 -34.17
N SER B 92 19.14 -13.18 -33.90
CA SER B 92 19.64 -12.79 -32.58
C SER B 92 19.09 -11.44 -32.12
N VAL B 93 18.94 -10.51 -33.05
CA VAL B 93 18.39 -9.19 -32.77
C VAL B 93 16.95 -9.32 -32.27
N GLN B 94 16.19 -10.20 -32.91
CA GLN B 94 14.79 -10.41 -32.57
C GLN B 94 14.67 -10.91 -31.15
N LYS B 95 15.40 -11.98 -30.85
CA LYS B 95 15.45 -12.49 -29.49
C LYS B 95 15.73 -11.34 -28.52
N ASP B 96 16.79 -10.59 -28.78
CA ASP B 96 17.28 -9.59 -27.83
C ASP B 96 16.36 -8.38 -27.63
N ILE B 97 15.52 -8.09 -28.61
CA ILE B 97 14.57 -7.00 -28.46
C ILE B 97 13.50 -7.38 -27.44
N LYS B 98 13.12 -8.65 -27.43
CA LYS B 98 12.12 -9.16 -26.51
C LYS B 98 12.46 -8.84 -25.06
N HIS B 99 13.75 -8.77 -24.76
CA HIS B 99 14.22 -8.62 -23.38
C HIS B 99 14.84 -7.24 -23.10
N LEU B 100 14.34 -6.20 -23.76
CA LEU B 100 14.86 -4.85 -23.54
C LEU B 100 13.75 -3.85 -23.22
N PRO B 101 13.84 -3.20 -22.06
CA PRO B 101 12.79 -2.28 -21.60
C PRO B 101 12.68 -1.04 -22.47
N PHE B 102 13.73 -0.71 -23.22
CA PHE B 102 13.63 0.42 -24.13
C PHE B 102 13.08 -0.02 -25.46
N ASN B 103 12.68 0.96 -26.27
CA ASN B 103 11.99 0.73 -27.53
C ASN B 103 12.93 0.62 -28.74
N VAL B 104 12.78 -0.47 -29.48
CA VAL B 104 13.60 -0.68 -30.66
C VAL B 104 12.80 -0.68 -31.97
N VAL B 105 13.19 0.22 -32.88
CA VAL B 105 12.52 0.37 -34.17
C VAL B 105 13.39 -0.10 -35.33
N ASN B 106 12.74 -0.56 -36.39
CA ASN B 106 13.43 -0.94 -37.62
C ASN B 106 13.67 0.30 -38.48
N LYS B 107 14.89 0.83 -38.45
CA LYS B 107 15.21 2.05 -39.19
C LYS B 107 16.17 1.75 -40.36
N ASP B 108 15.63 1.82 -41.57
CA ASP B 108 16.36 1.45 -42.77
C ASP B 108 16.91 0.03 -42.68
N GLY B 109 16.10 -0.87 -42.12
CA GLY B 109 16.43 -2.29 -42.07
C GLY B 109 17.37 -2.63 -40.94
N LYS B 110 17.64 -1.66 -40.06
CA LYS B 110 18.56 -1.86 -38.95
C LYS B 110 17.93 -1.45 -37.62
N PRO B 111 18.21 -2.22 -36.56
CA PRO B 111 17.65 -1.86 -35.25
C PRO B 111 18.05 -0.45 -34.83
N ALA B 112 17.08 0.28 -34.29
CA ALA B 112 17.31 1.61 -33.73
C ALA B 112 16.58 1.74 -32.41
N VAL B 113 17.01 2.70 -31.59
CA VAL B 113 16.30 2.96 -30.35
C VAL B 113 15.46 4.24 -30.47
N GLU B 114 14.20 4.14 -30.05
CA GLU B 114 13.29 5.30 -30.05
C GLU B 114 12.95 5.74 -28.62
N VAL B 115 13.29 6.97 -28.28
CA VAL B 115 13.01 7.48 -26.94
C VAL B 115 12.35 8.86 -26.95
N SER B 116 11.37 9.06 -26.08
CA SER B 116 10.57 10.28 -26.07
C SER B 116 11.18 11.41 -25.25
N VAL B 117 11.79 12.37 -25.94
CA VAL B 117 12.39 13.52 -25.28
C VAL B 117 12.35 14.75 -26.17
N LYS B 118 11.34 15.59 -25.99
CA LYS B 118 10.20 15.34 -25.12
C LYS B 118 9.14 16.37 -25.45
N GLY B 119 7.90 15.93 -25.64
CA GLY B 119 7.56 14.53 -25.56
C GLY B 119 7.47 13.88 -26.93
N GLU B 120 8.21 14.43 -27.90
CA GLU B 120 8.29 13.81 -29.21
C GLU B 120 9.38 12.74 -29.26
N LYS B 121 9.12 11.68 -30.02
CA LYS B 121 10.07 10.59 -30.17
C LYS B 121 11.35 11.07 -30.86
N LYS B 122 12.47 10.48 -30.48
CA LYS B 122 13.73 10.69 -31.18
C LYS B 122 14.43 9.33 -31.33
N VAL B 123 14.89 9.05 -32.55
CA VAL B 123 15.43 7.74 -32.88
C VAL B 123 16.95 7.76 -33.07
N PHE B 124 17.63 6.76 -32.49
CA PHE B 124 19.10 6.69 -32.52
C PHE B 124 19.63 5.33 -32.99
N THR B 125 20.68 5.36 -33.79
CA THR B 125 21.33 4.13 -34.24
C THR B 125 22.26 3.62 -33.13
N PRO B 126 22.59 2.32 -33.17
CA PRO B 126 23.59 1.77 -32.25
C PRO B 126 24.93 2.46 -32.43
N GLU B 127 25.17 2.99 -33.63
CA GLU B 127 26.44 3.62 -33.94
C GLU B 127 26.57 4.92 -33.14
N GLU B 128 25.44 5.62 -33.03
CA GLU B 128 25.38 6.86 -32.27
C GLU B 128 25.42 6.59 -30.77
N ILE B 129 24.53 5.73 -30.28
CA ILE B 129 24.53 5.37 -28.87
C ILE B 129 25.94 4.98 -28.44
N SER B 130 26.65 4.27 -29.31
CA SER B 130 28.00 3.81 -29.02
C SER B 130 28.99 4.95 -29.12
N GLY B 131 28.68 5.93 -29.96
CA GLY B 131 29.51 7.10 -30.11
C GLY B 131 29.59 7.90 -28.82
N MET B 132 28.42 8.30 -28.32
CA MET B 132 28.32 8.96 -27.02
C MET B 132 29.23 8.30 -26.00
N ILE B 133 29.16 6.97 -25.93
CA ILE B 133 29.96 6.25 -24.95
C ILE B 133 31.45 6.35 -25.24
N LEU B 134 31.80 6.27 -26.53
CA LEU B 134 33.19 6.34 -26.94
C LEU B 134 33.82 7.68 -26.60
N GLY B 135 33.08 8.76 -26.78
CA GLY B 135 33.58 10.10 -26.48
C GLY B 135 33.87 10.28 -25.01
N LYS B 136 32.98 9.78 -24.17
CA LYS B 136 33.18 9.84 -22.75
C LYS B 136 34.50 9.12 -22.43
N MET B 137 34.74 8.01 -23.12
CA MET B 137 35.96 7.24 -22.90
C MET B 137 37.23 8.02 -23.24
N LYS B 138 37.11 8.96 -24.18
CA LYS B 138 38.26 9.73 -24.64
C LYS B 138 38.55 10.90 -23.70
N GLN B 139 37.50 11.55 -23.20
CA GLN B 139 37.62 12.65 -22.24
C GLN B 139 38.43 12.24 -21.02
N ILE B 140 38.18 11.01 -20.57
CA ILE B 140 38.84 10.47 -19.38
C ILE B 140 40.34 10.20 -19.59
N ALA B 141 40.78 10.20 -20.85
CA ALA B 141 42.19 10.03 -21.18
C ALA B 141 42.85 11.35 -21.53
N GLU B 142 42.03 12.37 -21.78
CA GLU B 142 42.52 13.71 -22.10
C GLU B 142 42.79 14.52 -20.84
N ASP B 143 42.43 13.96 -19.69
CA ASP B 143 42.67 14.62 -18.42
C ASP B 143 43.73 13.87 -17.60
N TYR B 144 43.88 12.58 -17.87
CA TYR B 144 44.96 11.82 -17.26
C TYR B 144 46.28 12.17 -17.91
N LEU B 145 46.25 12.35 -19.23
CA LEU B 145 47.45 12.68 -20.00
C LEU B 145 47.70 14.18 -20.07
N GLY B 146 46.65 14.95 -20.32
CA GLY B 146 46.74 16.40 -20.32
C GLY B 146 46.80 17.05 -21.69
N THR B 147 46.18 16.41 -22.67
CA THR B 147 46.08 16.97 -24.02
C THR B 147 44.90 16.36 -24.78
N LYS B 148 44.89 16.56 -26.09
CA LYS B 148 43.79 16.09 -26.92
C LYS B 148 44.20 14.85 -27.72
N VAL B 149 43.49 13.75 -27.49
CA VAL B 149 43.72 12.50 -28.22
C VAL B 149 42.97 12.50 -29.54
N THR B 150 43.69 12.27 -30.62
CA THR B 150 43.05 12.17 -31.92
C THR B 150 42.81 10.71 -32.28
N HIS B 151 43.71 9.85 -31.81
CA HIS B 151 43.75 8.47 -32.27
C HIS B 151 43.66 7.48 -31.14
N ALA B 152 42.75 6.52 -31.29
CA ALA B 152 42.63 5.41 -30.36
C ALA B 152 42.49 4.13 -31.15
N VAL B 153 42.87 3.03 -30.53
CA VAL B 153 42.47 1.71 -31.01
C VAL B 153 41.32 1.24 -30.13
N VAL B 154 40.22 0.86 -30.76
CA VAL B 154 39.01 0.42 -30.06
C VAL B 154 38.78 -1.05 -30.30
N THR B 155 38.50 -1.81 -29.24
CA THR B 155 38.40 -3.26 -29.36
C THR B 155 36.96 -3.76 -29.55
N VAL B 156 36.85 -5.00 -30.04
CA VAL B 156 35.59 -5.66 -30.36
C VAL B 156 35.80 -7.15 -30.15
N PRO B 157 34.72 -7.92 -29.97
CA PRO B 157 34.99 -9.34 -29.79
C PRO B 157 35.45 -10.04 -31.08
N ALA B 158 36.22 -11.11 -30.90
CA ALA B 158 36.83 -11.80 -32.03
C ALA B 158 35.79 -12.16 -33.07
N TYR B 159 34.59 -12.49 -32.62
CA TYR B 159 33.58 -12.97 -33.57
C TYR B 159 32.93 -11.86 -34.40
N PHE B 160 33.24 -10.61 -34.13
CA PHE B 160 32.66 -9.53 -34.94
C PHE B 160 32.99 -9.68 -36.42
N ASN B 161 32.01 -9.38 -37.25
CA ASN B 161 32.17 -9.40 -38.70
C ASN B 161 32.53 -7.98 -39.17
N ASP B 162 32.80 -7.85 -40.46
CA ASP B 162 33.17 -6.55 -41.03
C ASP B 162 32.19 -5.42 -40.74
N ALA B 163 30.90 -5.68 -40.93
CA ALA B 163 29.89 -4.67 -40.68
C ALA B 163 29.87 -4.23 -39.22
N GLN B 164 30.08 -5.17 -38.30
CA GLN B 164 30.19 -4.81 -36.88
C GLN B 164 31.50 -4.08 -36.52
N ARG B 165 32.60 -4.45 -37.17
CA ARG B 165 33.84 -3.69 -36.92
C ARG B 165 33.72 -2.26 -37.45
N GLN B 166 33.12 -2.13 -38.64
CA GLN B 166 32.93 -0.83 -39.28
C GLN B 166 31.96 0.07 -38.52
N ALA B 167 30.84 -0.50 -38.08
CA ALA B 167 29.89 0.27 -37.29
C ALA B 167 30.54 0.77 -36.00
N THR B 168 31.56 0.05 -35.55
CA THR B 168 32.31 0.49 -34.39
C THR B 168 33.34 1.54 -34.78
N LYS B 169 33.94 1.37 -35.95
CA LYS B 169 34.87 2.37 -36.46
C LYS B 169 34.08 3.64 -36.71
N ASP B 170 32.87 3.47 -37.27
CA ASP B 170 31.93 4.58 -37.43
C ASP B 170 31.64 5.25 -36.10
N ALA B 171 31.07 4.50 -35.14
CA ALA B 171 30.89 5.03 -33.79
C ALA B 171 32.17 5.73 -33.33
N GLY B 172 33.31 5.15 -33.68
CA GLY B 172 34.61 5.74 -33.40
C GLY B 172 34.72 7.17 -33.90
N THR B 173 34.15 7.43 -35.07
CA THR B 173 34.19 8.75 -35.66
C THR B 173 33.04 9.63 -35.15
N ILE B 174 31.84 9.07 -35.02
CA ILE B 174 30.70 9.81 -34.51
C ILE B 174 30.67 9.76 -33.00
N ALA B 175 30.97 10.87 -32.36
CA ALA B 175 31.47 12.05 -33.05
C ALA B 175 32.66 12.65 -32.30
N GLY B 176 33.87 12.26 -32.73
CA GLY B 176 35.10 12.70 -32.11
C GLY B 176 36.09 11.57 -31.90
N LEU B 177 36.74 11.16 -32.98
CA LEU B 177 37.80 10.15 -32.98
C LEU B 177 37.96 9.52 -34.37
N ASN B 178 38.97 8.68 -34.51
CA ASN B 178 39.26 8.00 -35.75
C ASN B 178 40.00 6.71 -35.42
N VAL B 179 39.26 5.62 -35.30
CA VAL B 179 39.85 4.37 -34.86
C VAL B 179 40.90 3.89 -35.85
N LEU B 180 42.13 3.85 -35.37
CA LEU B 180 43.25 3.45 -36.21
C LEU B 180 43.24 1.94 -36.47
N ARG B 181 42.83 1.16 -35.47
CA ARG B 181 42.86 -0.30 -35.57
C ARG B 181 41.86 -1.03 -34.68
N ILE B 182 40.96 -1.80 -35.30
CA ILE B 182 40.09 -2.71 -34.59
C ILE B 182 40.90 -3.96 -34.21
N VAL B 183 40.98 -4.25 -32.91
CA VAL B 183 41.74 -5.39 -32.43
C VAL B 183 40.78 -6.34 -31.73
N ASN B 184 41.04 -7.64 -31.89
CA ASN B 184 40.23 -8.62 -31.20
C ASN B 184 40.50 -8.59 -29.69
N GLU B 185 39.45 -8.38 -28.90
CA GLU B 185 39.57 -8.37 -27.44
C GLU B 185 40.33 -9.58 -26.90
N PRO B 186 40.02 -10.80 -27.42
CA PRO B 186 40.70 -12.04 -27.01
C PRO B 186 42.18 -12.00 -27.37
N THR B 187 42.53 -11.23 -28.39
CA THR B 187 43.92 -11.13 -28.84
C THR B 187 44.71 -10.09 -28.04
N ALA B 188 44.06 -8.99 -27.67
CA ALA B 188 44.68 -7.98 -26.81
C ALA B 188 44.75 -8.52 -25.38
N ALA B 189 43.91 -9.51 -25.10
CA ALA B 189 43.99 -10.21 -23.82
C ALA B 189 45.38 -10.84 -23.68
N ALA B 190 45.72 -11.72 -24.62
CA ALA B 190 47.00 -12.43 -24.59
C ALA B 190 48.18 -11.47 -24.68
N ILE B 191 47.90 -10.24 -25.13
CA ILE B 191 48.94 -9.23 -25.32
C ILE B 191 49.22 -8.44 -24.04
N ALA B 192 48.32 -8.52 -23.07
CA ALA B 192 48.58 -7.97 -21.75
C ALA B 192 49.71 -8.77 -21.09
N TYR B 193 49.66 -10.08 -21.27
CA TYR B 193 50.74 -10.96 -20.85
C TYR B 193 51.59 -11.34 -22.07
N GLY B 194 51.68 -10.41 -23.03
CA GLY B 194 52.43 -10.60 -24.27
C GLY B 194 52.96 -12.00 -24.55
N LEU B 195 52.14 -12.85 -25.16
CA LEU B 195 52.55 -14.21 -25.49
C LEU B 195 53.58 -14.23 -26.61
N ASP B 196 53.69 -13.11 -27.32
CA ASP B 196 54.61 -13.00 -28.45
C ASP B 196 56.05 -12.76 -28.00
N GLN B 203 50.02 -21.49 -29.02
CA GLN B 203 48.58 -21.60 -28.84
C GLN B 203 48.05 -21.13 -27.46
N ILE B 204 47.06 -20.23 -27.48
CA ILE B 204 46.49 -19.65 -26.26
C ILE B 204 44.98 -19.87 -26.15
N ILE B 205 44.51 -20.09 -24.93
CA ILE B 205 43.08 -20.16 -24.66
C ILE B 205 42.66 -18.98 -23.82
N VAL B 206 41.79 -18.14 -24.37
CA VAL B 206 41.30 -16.96 -23.65
C VAL B 206 39.87 -17.17 -23.16
N TYR B 207 39.65 -16.79 -21.91
CA TYR B 207 38.43 -17.13 -21.20
C TYR B 207 37.83 -15.84 -20.69
N ASP B 208 36.68 -15.46 -21.24
CA ASP B 208 36.19 -14.12 -21.02
C ASP B 208 34.79 -14.07 -20.41
N LEU B 209 34.74 -14.17 -19.08
CA LEU B 209 33.47 -14.15 -18.40
C LEU B 209 33.13 -12.71 -18.02
N GLY B 210 32.27 -12.08 -18.83
CA GLY B 210 31.92 -10.69 -18.62
C GLY B 210 30.64 -10.51 -17.80
N GLY B 211 30.05 -9.33 -17.88
CA GLY B 211 28.84 -9.05 -17.13
C GLY B 211 27.68 -9.88 -17.61
N GLY B 212 27.57 -10.06 -18.93
CA GLY B 212 26.44 -10.81 -19.46
C GLY B 212 26.77 -11.73 -20.62
N THR B 213 28.01 -11.67 -21.11
CA THR B 213 28.42 -12.54 -22.18
C THR B 213 29.64 -13.34 -21.77
N PHE B 214 29.82 -14.48 -22.41
CA PHE B 214 30.97 -15.31 -22.15
C PHE B 214 31.61 -15.70 -23.48
N ASP B 215 32.88 -15.33 -23.67
CA ASP B 215 33.60 -15.66 -24.91
C ASP B 215 34.87 -16.44 -24.60
N VAL B 216 35.06 -17.57 -25.27
CA VAL B 216 36.36 -18.24 -25.28
C VAL B 216 36.91 -18.25 -26.68
N SER B 217 38.16 -17.85 -26.82
CA SER B 217 38.79 -17.81 -28.12
C SER B 217 40.15 -18.51 -28.14
N LEU B 218 40.33 -19.40 -29.12
CA LEU B 218 41.64 -19.93 -29.44
C LEU B 218 42.50 -18.79 -29.98
N LEU B 219 43.81 -18.91 -29.91
CA LEU B 219 44.65 -17.82 -30.37
C LEU B 219 46.07 -18.31 -30.67
N SER B 220 46.30 -18.67 -31.93
CA SER B 220 47.62 -19.14 -32.34
C SER B 220 48.69 -18.08 -32.05
N ILE B 221 49.73 -18.47 -31.32
CA ILE B 221 50.85 -17.56 -31.06
C ILE B 221 52.00 -17.81 -32.03
N GLU B 222 52.32 -16.78 -32.81
CA GLU B 222 53.35 -16.88 -33.85
C GLU B 222 54.01 -15.52 -34.11
N ASN B 223 55.29 -15.41 -33.79
CA ASN B 223 56.06 -14.21 -34.08
C ASN B 223 55.46 -12.90 -33.56
N GLY B 224 54.70 -12.21 -34.40
CA GLY B 224 54.14 -10.91 -34.07
C GLY B 224 52.67 -10.92 -33.70
N VAL B 225 51.80 -10.76 -34.71
CA VAL B 225 50.36 -10.81 -34.48
C VAL B 225 49.89 -12.26 -34.37
N PHE B 226 48.59 -12.49 -34.26
CA PHE B 226 48.08 -13.83 -33.95
C PHE B 226 46.95 -14.33 -34.86
N GLU B 227 46.70 -15.63 -34.82
CA GLU B 227 45.66 -16.28 -35.61
C GLU B 227 44.54 -16.86 -34.75
N VAL B 228 43.35 -16.28 -34.85
CA VAL B 228 42.19 -16.77 -34.12
C VAL B 228 41.70 -18.08 -34.75
N GLN B 229 42.19 -19.20 -34.23
CA GLN B 229 41.81 -20.51 -34.74
C GLN B 229 40.32 -20.83 -34.59
N ALA B 230 39.74 -20.44 -33.45
CA ALA B 230 38.30 -20.63 -33.24
C ALA B 230 37.76 -19.83 -32.07
N THR B 231 36.54 -19.33 -32.21
CA THR B 231 35.90 -18.68 -31.07
C THR B 231 34.57 -19.32 -30.74
N SER B 232 34.22 -19.29 -29.46
CA SER B 232 32.89 -19.72 -29.03
C SER B 232 32.47 -19.03 -27.73
N GLY B 233 31.21 -19.12 -27.38
CA GLY B 233 30.73 -18.57 -26.13
C GLY B 233 29.25 -18.75 -25.92
N ASP B 234 28.70 -17.98 -24.99
CA ASP B 234 27.27 -17.94 -24.72
C ASP B 234 26.96 -16.48 -24.48
N THR B 235 26.18 -15.89 -25.38
CA THR B 235 25.93 -14.45 -25.36
C THR B 235 25.03 -14.13 -24.19
N HIS B 236 24.45 -15.14 -23.58
CA HIS B 236 23.50 -14.93 -22.50
C HIS B 236 23.93 -15.58 -21.18
N LEU B 237 25.23 -15.74 -20.99
CA LEU B 237 25.80 -16.25 -19.75
C LEU B 237 26.81 -15.21 -19.29
N GLY B 238 26.63 -14.72 -18.08
CA GLY B 238 27.52 -13.71 -17.52
C GLY B 238 27.52 -13.70 -16.00
N GLY B 239 28.32 -12.80 -15.42
CA GLY B 239 28.45 -12.68 -13.98
C GLY B 239 27.14 -12.32 -13.30
N GLU B 240 26.32 -11.51 -13.97
CA GLU B 240 25.06 -11.06 -13.42
C GLU B 240 24.08 -12.20 -13.12
N ASP B 241 24.22 -13.30 -13.87
CA ASP B 241 23.44 -14.53 -13.64
C ASP B 241 23.82 -15.21 -12.34
N PHE B 242 25.08 -15.05 -11.94
CA PHE B 242 25.53 -15.62 -10.68
C PHE B 242 24.83 -14.89 -9.55
N ASP B 243 24.88 -13.56 -9.57
CA ASP B 243 24.19 -12.75 -8.56
C ASP B 243 22.70 -13.03 -8.50
N TYR B 244 22.09 -13.38 -9.64
CA TYR B 244 20.66 -13.65 -9.64
C TYR B 244 20.32 -14.94 -8.87
N LYS B 245 21.16 -15.97 -9.01
CA LYS B 245 20.94 -17.20 -8.25
C LYS B 245 20.87 -16.88 -6.74
N ILE B 246 21.81 -16.06 -6.26
CA ILE B 246 21.81 -15.65 -4.86
C ILE B 246 20.50 -14.92 -4.57
N VAL B 247 20.22 -13.88 -5.34
CA VAL B 247 18.94 -13.18 -5.21
C VAL B 247 17.76 -14.14 -5.04
N ARG B 248 17.64 -15.16 -5.90
CA ARG B 248 16.45 -16.00 -5.85
C ARG B 248 16.42 -16.79 -4.56
N GLN B 249 17.59 -17.26 -4.16
CA GLN B 249 17.80 -17.97 -2.91
C GLN B 249 17.32 -17.17 -1.69
N LEU B 250 17.50 -15.85 -1.75
CA LEU B 250 17.18 -14.99 -0.62
C LEU B 250 15.67 -14.75 -0.53
N ILE B 251 15.06 -14.45 -1.68
CA ILE B 251 13.62 -14.35 -1.78
C ILE B 251 12.88 -15.56 -1.21
N LYS B 252 13.24 -16.74 -1.69
CA LYS B 252 12.60 -17.97 -1.19
C LYS B 252 12.82 -18.16 0.32
N ALA B 253 14.00 -17.83 0.82
CA ALA B 253 14.29 -18.01 2.24
C ALA B 253 13.47 -17.04 3.08
N PHE B 254 13.47 -15.77 2.69
CA PHE B 254 12.65 -14.77 3.38
C PHE B 254 11.16 -15.14 3.33
N LYS B 255 10.68 -15.57 2.17
CA LYS B 255 9.29 -16.01 2.04
C LYS B 255 8.96 -17.17 3.00
N LYS B 256 9.86 -18.14 3.07
CA LYS B 256 9.68 -19.30 3.95
C LYS B 256 9.52 -18.87 5.42
N LYS B 257 10.38 -17.93 5.84
CA LYS B 257 10.38 -17.39 7.19
C LYS B 257 9.20 -16.48 7.52
N HIS B 258 8.94 -15.50 6.66
CA HIS B 258 8.00 -14.45 6.97
C HIS B 258 6.76 -14.43 6.09
N GLY B 259 6.68 -15.39 5.18
CA GLY B 259 5.54 -15.49 4.27
C GLY B 259 5.36 -14.26 3.41
N ILE B 260 6.41 -13.46 3.29
CA ILE B 260 6.40 -12.31 2.40
C ILE B 260 7.22 -12.63 1.15
N ASP B 261 6.65 -12.32 -0.01
CA ASP B 261 7.31 -12.55 -1.30
C ASP B 261 7.71 -11.19 -1.84
N VAL B 262 9.02 -10.94 -1.94
CA VAL B 262 9.47 -9.59 -2.31
C VAL B 262 9.76 -9.37 -3.80
N SER B 263 9.40 -10.35 -4.63
CA SER B 263 9.66 -10.27 -6.07
C SER B 263 8.98 -9.07 -6.76
N ASP B 264 7.88 -8.59 -6.20
CA ASP B 264 7.16 -7.45 -6.77
C ASP B 264 7.55 -6.16 -6.07
N ASN B 265 8.52 -6.26 -5.16
CA ASN B 265 8.98 -5.13 -4.36
C ASN B 265 10.27 -4.59 -4.98
N ASN B 266 10.17 -3.52 -5.74
CA ASN B 266 11.32 -3.05 -6.51
C ASN B 266 12.44 -2.51 -5.62
N LYS B 267 12.09 -1.67 -4.65
CA LYS B 267 13.04 -1.17 -3.66
C LYS B 267 13.82 -2.34 -3.04
N ALA B 268 13.06 -3.29 -2.50
CA ALA B 268 13.64 -4.42 -1.80
C ALA B 268 14.56 -5.27 -2.67
N LEU B 269 14.17 -5.54 -3.91
CA LEU B 269 15.02 -6.30 -4.82
C LEU B 269 16.32 -5.57 -5.12
N ALA B 270 16.21 -4.25 -5.27
CA ALA B 270 17.41 -3.42 -5.47
C ALA B 270 18.40 -3.56 -4.30
N LYS B 271 17.90 -3.45 -3.09
CA LYS B 271 18.77 -3.69 -1.93
C LYS B 271 19.38 -5.10 -2.03
N LEU B 272 18.52 -6.07 -2.30
CA LEU B 272 18.92 -7.48 -2.33
C LEU B 272 19.95 -7.77 -3.42
N LYS B 273 19.76 -7.17 -4.60
CA LYS B 273 20.73 -7.35 -5.68
C LYS B 273 22.06 -6.76 -5.24
N ARG B 274 22.01 -5.57 -4.66
CA ARG B 274 23.23 -4.95 -4.17
C ARG B 274 23.95 -5.76 -3.09
N GLU B 275 23.20 -6.39 -2.20
CA GLU B 275 23.80 -7.20 -1.14
C GLU B 275 24.31 -8.53 -1.70
N ALA B 276 23.69 -9.03 -2.75
CA ALA B 276 24.10 -10.30 -3.32
C ALA B 276 25.48 -10.22 -3.97
N GLU B 277 25.78 -9.07 -4.57
CA GLU B 277 27.07 -8.87 -5.22
C GLU B 277 28.21 -8.77 -4.21
N LYS B 278 27.97 -8.07 -3.11
CA LYS B 278 28.93 -8.01 -2.01
C LYS B 278 29.12 -9.41 -1.44
N ALA B 279 28.02 -10.15 -1.31
CA ALA B 279 28.06 -11.52 -0.82
C ALA B 279 28.92 -12.45 -1.72
N LYS B 280 28.74 -12.35 -3.04
CA LYS B 280 29.53 -13.11 -4.00
C LYS B 280 31.00 -12.74 -3.93
N ARG B 281 31.26 -11.44 -3.93
CA ARG B 281 32.60 -10.92 -3.83
C ARG B 281 33.28 -11.47 -2.59
N ALA B 282 32.55 -11.54 -1.48
CA ALA B 282 33.12 -12.02 -0.23
C ALA B 282 33.33 -13.53 -0.28
N LEU B 283 32.43 -14.26 -0.94
CA LEU B 283 32.60 -15.69 -1.08
C LEU B 283 33.81 -16.03 -1.96
N SER B 284 34.46 -15.00 -2.47
CA SER B 284 35.68 -15.22 -3.23
C SER B 284 36.94 -15.13 -2.35
N SER B 285 36.75 -15.27 -1.05
CA SER B 285 37.88 -15.35 -0.12
C SER B 285 37.47 -16.08 1.16
N GLN B 286 36.21 -15.90 1.56
CA GLN B 286 35.67 -16.57 2.74
C GLN B 286 34.94 -17.84 2.32
N MET B 287 34.73 -18.76 3.26
CA MET B 287 34.01 -20.01 2.99
C MET B 287 32.52 -19.88 3.23
N SER B 288 32.13 -18.78 3.85
CA SER B 288 30.72 -18.47 4.08
C SER B 288 30.58 -17.05 4.59
N THR B 289 29.35 -16.55 4.57
CA THR B 289 29.08 -15.17 4.90
C THR B 289 27.64 -15.03 5.36
N ARG B 290 27.31 -13.85 5.87
CA ARG B 290 25.95 -13.55 6.23
C ARG B 290 25.48 -12.37 5.38
N ILE B 291 24.19 -12.35 5.07
CA ILE B 291 23.60 -11.26 4.33
C ILE B 291 22.49 -10.72 5.18
N GLU B 292 22.54 -9.43 5.47
CA GLU B 292 21.57 -8.84 6.38
C GLU B 292 21.09 -7.53 5.81
N ILE B 293 19.80 -7.28 5.99
CA ILE B 293 19.23 -6.01 5.63
C ILE B 293 18.30 -5.62 6.76
N ASP B 294 18.57 -4.46 7.37
CA ASP B 294 17.68 -3.99 8.41
C ASP B 294 16.48 -3.36 7.75
N SER B 295 15.32 -3.56 8.35
CA SER B 295 14.09 -2.96 7.84
C SER B 295 13.98 -3.26 6.35
N PHE B 296 14.01 -4.55 6.02
CA PHE B 296 13.95 -5.03 4.64
C PHE B 296 12.59 -4.76 4.02
N VAL B 297 11.54 -5.25 4.67
CA VAL B 297 10.16 -4.95 4.27
C VAL B 297 9.28 -5.18 5.45
N ASP B 298 8.25 -4.35 5.56
CA ASP B 298 7.26 -4.51 6.61
C ASP B 298 7.94 -4.54 7.97
N GLY B 299 9.03 -3.79 8.06
CA GLY B 299 9.73 -3.60 9.32
C GLY B 299 10.56 -4.80 9.71
N ILE B 300 10.52 -5.84 8.90
CA ILE B 300 11.21 -7.07 9.25
C ILE B 300 12.64 -7.01 8.74
N ASP B 301 13.58 -7.51 9.54
CA ASP B 301 14.99 -7.51 9.16
C ASP B 301 15.25 -8.77 8.39
N LEU B 302 16.13 -8.71 7.41
CA LEU B 302 16.52 -9.90 6.69
C LEU B 302 17.84 -10.37 7.24
N SER B 303 17.94 -11.68 7.48
CA SER B 303 19.18 -12.26 7.94
C SER B 303 19.30 -13.69 7.44
N GLU B 304 20.25 -13.91 6.54
CA GLU B 304 20.45 -15.21 5.92
C GLU B 304 21.94 -15.52 5.78
N THR B 305 22.30 -16.78 6.00
CA THR B 305 23.64 -17.25 5.68
C THR B 305 23.77 -17.79 4.25
N LEU B 306 25.00 -17.76 3.75
CA LEU B 306 25.31 -18.31 2.46
C LEU B 306 26.71 -18.90 2.49
N THR B 307 26.82 -20.23 2.52
CA THR B 307 28.13 -20.87 2.38
C THR B 307 28.58 -20.78 0.93
N ARG B 308 29.89 -20.74 0.70
CA ARG B 308 30.39 -20.73 -0.66
C ARG B 308 30.08 -22.07 -1.32
N ALA B 309 29.93 -23.10 -0.49
CA ALA B 309 29.55 -24.41 -0.97
C ALA B 309 28.19 -24.28 -1.66
N LYS B 310 27.25 -23.69 -0.94
CA LYS B 310 25.90 -23.53 -1.45
C LYS B 310 25.88 -22.61 -2.67
N PHE B 311 26.70 -21.57 -2.64
CA PHE B 311 26.81 -20.65 -3.76
C PHE B 311 27.22 -21.38 -5.04
N GLU B 312 28.21 -22.26 -4.91
CA GLU B 312 28.69 -23.03 -6.05
C GLU B 312 27.60 -24.00 -6.53
N GLU B 313 26.91 -24.62 -5.59
CA GLU B 313 25.83 -25.53 -5.93
C GLU B 313 24.71 -24.82 -6.70
N LEU B 314 24.42 -23.59 -6.32
CA LEU B 314 23.38 -22.84 -7.00
C LEU B 314 23.78 -22.55 -8.44
N ASN B 315 25.07 -22.38 -8.66
CA ASN B 315 25.60 -22.02 -9.98
C ASN B 315 26.37 -23.13 -10.66
N LEU B 316 26.03 -24.38 -10.34
CA LEU B 316 26.79 -25.50 -10.85
C LEU B 316 26.80 -25.51 -12.35
N ASP B 317 25.65 -25.83 -12.92
CA ASP B 317 25.47 -25.83 -14.36
C ASP B 317 25.93 -24.54 -14.98
N LEU B 318 25.43 -23.42 -14.48
CA LEU B 318 25.89 -22.13 -15.01
C LEU B 318 27.41 -22.15 -15.18
N PHE B 319 28.13 -22.64 -14.17
CA PHE B 319 29.58 -22.75 -14.26
C PHE B 319 30.02 -23.69 -15.40
N LYS B 320 29.48 -24.91 -15.42
CA LYS B 320 29.88 -25.92 -16.41
C LYS B 320 29.69 -25.46 -17.86
N LYS B 321 28.68 -24.65 -18.11
CA LYS B 321 28.37 -24.17 -19.46
C LYS B 321 29.57 -23.55 -20.12
N THR B 322 30.51 -23.07 -19.33
CA THR B 322 31.64 -22.33 -19.88
C THR B 322 32.71 -23.26 -20.47
N LEU B 323 32.62 -24.54 -20.14
CA LEU B 323 33.57 -25.52 -20.64
C LEU B 323 33.23 -25.98 -22.05
N LYS B 324 31.95 -26.28 -22.31
CA LYS B 324 31.51 -26.61 -23.66
C LYS B 324 32.25 -25.75 -24.69
N PRO B 325 32.15 -24.42 -24.57
CA PRO B 325 32.81 -23.52 -25.54
C PRO B 325 34.31 -23.77 -25.68
N VAL B 326 34.99 -24.24 -24.65
CA VAL B 326 36.40 -24.59 -24.82
C VAL B 326 36.54 -25.97 -25.47
N GLU B 327 35.65 -26.90 -25.11
CA GLU B 327 35.61 -28.23 -25.71
C GLU B 327 35.26 -28.17 -27.20
N LYS B 328 34.50 -27.15 -27.59
CA LYS B 328 34.12 -26.98 -28.99
C LYS B 328 35.06 -26.03 -29.74
N VAL B 329 35.65 -25.08 -29.02
CA VAL B 329 36.64 -24.19 -29.62
C VAL B 329 37.98 -24.87 -29.79
N LEU B 330 38.27 -25.81 -28.89
CA LEU B 330 39.52 -26.58 -28.98
C LEU B 330 39.55 -27.42 -30.24
N GLN B 331 38.44 -28.09 -30.52
CA GLN B 331 38.33 -29.01 -31.64
C GLN B 331 38.30 -28.30 -33.00
N ASP B 332 37.67 -27.13 -33.05
CA ASP B 332 37.58 -26.37 -34.28
C ASP B 332 38.89 -25.66 -34.59
N SER B 333 40.01 -26.22 -34.12
CA SER B 333 41.31 -25.60 -34.34
C SER B 333 42.46 -26.61 -34.35
N GLY B 334 42.13 -27.89 -34.14
CA GLY B 334 43.12 -28.94 -33.95
C GLY B 334 42.45 -30.20 -33.46
N LEU B 335 42.69 -30.63 -32.21
CA LEU B 335 43.59 -29.99 -31.26
C LEU B 335 43.50 -30.69 -29.90
N GLU B 336 44.59 -30.64 -29.14
CA GLU B 336 44.68 -31.34 -27.87
C GLU B 336 44.77 -30.38 -26.68
N LYS B 337 44.00 -30.64 -25.64
CA LYS B 337 44.00 -29.79 -24.45
C LYS B 337 45.39 -29.72 -23.83
N LYS B 338 46.24 -30.68 -24.17
CA LYS B 338 47.58 -30.70 -23.63
C LYS B 338 48.54 -29.85 -24.46
N ASP B 339 48.06 -29.34 -25.59
CA ASP B 339 48.89 -28.48 -26.42
C ASP B 339 48.69 -27.01 -26.10
N VAL B 340 47.64 -26.73 -25.33
CA VAL B 340 47.33 -25.35 -24.95
C VAL B 340 48.56 -24.69 -24.33
N ASP B 341 49.28 -23.96 -25.17
CA ASP B 341 50.57 -23.38 -24.86
C ASP B 341 50.49 -22.39 -23.69
N ASP B 342 49.28 -21.95 -23.37
CA ASP B 342 49.09 -20.96 -22.31
C ASP B 342 47.62 -20.62 -22.05
N ILE B 343 47.36 -19.92 -20.94
CA ILE B 343 45.99 -19.53 -20.55
C ILE B 343 45.90 -18.11 -19.97
N VAL B 344 44.74 -17.48 -20.12
CA VAL B 344 44.53 -16.11 -19.67
C VAL B 344 43.06 -15.83 -19.33
N LEU B 345 42.84 -15.08 -18.24
CA LEU B 345 41.49 -14.78 -17.77
C LEU B 345 41.18 -13.29 -17.86
N VAL B 346 40.04 -12.98 -18.47
CA VAL B 346 39.52 -11.62 -18.59
C VAL B 346 38.12 -11.49 -17.93
N GLY B 347 37.80 -10.31 -17.43
CA GLY B 347 36.45 -10.02 -16.99
C GLY B 347 36.28 -9.54 -15.55
N GLY B 348 36.10 -10.48 -14.64
CA GLY B 348 35.81 -10.12 -13.26
C GLY B 348 35.30 -11.33 -12.54
N SER B 349 34.19 -11.88 -13.03
CA SER B 349 33.64 -13.13 -12.51
C SER B 349 34.71 -14.23 -12.54
N THR B 350 35.83 -13.91 -13.15
CA THR B 350 36.96 -14.82 -13.24
C THR B 350 37.67 -15.00 -11.89
N ARG B 351 37.37 -14.13 -10.94
CA ARG B 351 37.94 -14.20 -9.58
C ARG B 351 37.27 -15.28 -8.72
N ILE B 352 36.17 -15.87 -9.19
CA ILE B 352 35.46 -16.86 -8.38
C ILE B 352 36.26 -18.15 -8.33
N PRO B 353 36.53 -18.65 -7.11
CA PRO B 353 37.37 -19.85 -6.96
C PRO B 353 36.83 -21.04 -7.73
N LYS B 354 35.52 -21.22 -7.77
CA LYS B 354 34.96 -22.37 -8.48
C LYS B 354 35.13 -22.23 -10.01
N VAL B 355 35.13 -21.00 -10.50
CA VAL B 355 35.44 -20.72 -11.90
C VAL B 355 36.88 -21.06 -12.21
N GLN B 356 37.81 -20.39 -11.54
CA GLN B 356 39.25 -20.62 -11.73
C GLN B 356 39.64 -22.06 -11.51
N GLN B 357 38.79 -22.82 -10.81
CA GLN B 357 39.11 -24.21 -10.55
C GLN B 357 38.76 -25.06 -11.76
N LEU B 358 37.49 -25.04 -12.15
CA LEU B 358 36.99 -25.86 -13.26
C LEU B 358 37.88 -25.76 -14.50
N LEU B 359 38.36 -24.55 -14.79
CA LEU B 359 39.29 -24.35 -15.89
C LEU B 359 40.54 -25.18 -15.65
N GLU B 360 41.26 -24.82 -14.58
CA GLU B 360 42.49 -25.52 -14.23
C GLU B 360 42.32 -27.04 -14.20
N SER B 361 41.26 -27.52 -13.55
CA SER B 361 40.99 -28.95 -13.46
C SER B 361 40.47 -29.56 -14.78
N TYR B 362 40.09 -28.71 -15.73
CA TYR B 362 39.70 -29.19 -17.07
C TYR B 362 40.90 -29.71 -17.85
N PHE B 363 41.96 -28.91 -17.93
CA PHE B 363 43.16 -29.31 -18.63
C PHE B 363 44.02 -30.21 -17.75
N ASP B 364 43.37 -31.08 -17.00
CA ASP B 364 44.04 -32.06 -16.16
C ASP B 364 44.72 -31.43 -14.94
N GLY B 365 45.00 -30.13 -15.03
CA GLY B 365 45.59 -29.44 -13.90
C GLY B 365 46.30 -28.12 -14.19
N LYS B 366 46.77 -27.92 -15.41
CA LYS B 366 47.57 -26.74 -15.72
C LYS B 366 47.02 -25.46 -15.09
N LYS B 367 47.91 -24.64 -14.55
CA LYS B 367 47.52 -23.40 -13.89
C LYS B 367 47.23 -22.31 -14.91
N ALA B 368 46.03 -21.75 -14.85
CA ALA B 368 45.72 -20.57 -15.64
C ALA B 368 46.69 -19.46 -15.26
N SER B 369 46.75 -18.41 -16.08
CA SER B 369 47.67 -17.31 -15.82
C SER B 369 46.97 -16.13 -15.16
N LYS B 370 47.74 -15.35 -14.42
CA LYS B 370 47.23 -14.14 -13.76
C LYS B 370 48.36 -13.16 -13.45
N GLY B 371 48.00 -11.90 -13.22
CA GLY B 371 48.97 -10.85 -12.99
C GLY B 371 48.35 -9.46 -13.02
N ILE B 372 47.48 -9.22 -14.01
CA ILE B 372 46.75 -7.95 -14.08
C ILE B 372 45.27 -8.16 -13.80
N ASN B 373 44.58 -7.08 -13.47
CA ASN B 373 43.15 -7.14 -13.20
C ASN B 373 42.35 -7.51 -14.45
N PRO B 374 41.58 -8.61 -14.38
CA PRO B 374 40.78 -9.12 -15.50
C PRO B 374 39.78 -8.11 -16.10
N ASP B 375 39.38 -7.10 -15.34
CA ASP B 375 38.46 -6.10 -15.89
C ASP B 375 39.21 -4.96 -16.56
N GLU B 376 40.53 -5.14 -16.70
CA GLU B 376 41.41 -4.12 -17.24
C GLU B 376 42.31 -4.65 -18.34
N ALA B 377 42.44 -5.97 -18.41
CA ALA B 377 43.37 -6.62 -19.34
C ALA B 377 43.12 -6.35 -20.83
N VAL B 378 41.87 -6.35 -21.26
CA VAL B 378 41.57 -6.09 -22.68
C VAL B 378 41.98 -4.68 -23.03
N ALA B 379 41.69 -3.74 -22.13
CA ALA B 379 42.18 -2.38 -22.26
C ALA B 379 43.71 -2.34 -22.10
N TYR B 380 44.26 -3.36 -21.44
CA TYR B 380 45.70 -3.46 -21.21
C TYR B 380 46.42 -3.79 -22.52
N GLY B 381 46.17 -4.99 -23.05
CA GLY B 381 46.80 -5.42 -24.28
C GLY B 381 46.59 -4.37 -25.35
N ALA B 382 45.37 -3.83 -25.41
CA ALA B 382 45.00 -2.86 -26.44
C ALA B 382 45.76 -1.55 -26.31
N ALA B 383 46.13 -1.20 -25.08
CA ALA B 383 46.96 -0.02 -24.88
C ALA B 383 48.40 -0.31 -25.29
N VAL B 384 48.75 -1.60 -25.26
CA VAL B 384 50.09 -2.05 -25.62
C VAL B 384 50.24 -2.12 -27.15
N GLN B 385 49.28 -2.75 -27.81
CA GLN B 385 49.20 -2.70 -29.27
C GLN B 385 49.21 -1.23 -29.68
N ALA B 386 48.39 -0.44 -29.00
CA ALA B 386 48.44 1.00 -29.14
C ALA B 386 49.90 1.49 -29.12
N GLY B 387 50.63 1.11 -28.08
CA GLY B 387 52.03 1.49 -27.92
C GLY B 387 52.85 1.42 -29.19
N VAL B 388 52.51 0.47 -30.06
CA VAL B 388 53.18 0.35 -31.35
C VAL B 388 53.21 1.68 -32.10
N LEU B 389 52.19 2.50 -31.89
CA LEU B 389 52.10 3.81 -32.55
C LEU B 389 52.33 4.94 -31.56
N GLY C 16 -27.20 25.03 -12.20
CA GLY C 16 -28.02 23.89 -11.83
C GLY C 16 -27.22 22.63 -11.56
N ASP C 17 -26.95 21.87 -12.62
CA ASP C 17 -26.24 20.57 -12.57
C ASP C 17 -25.51 20.27 -11.27
N TYR C 18 -25.91 19.26 -10.50
CA TYR C 18 -27.15 18.48 -10.64
C TYR C 18 -27.13 17.31 -11.64
N GLU C 19 -27.20 16.09 -11.10
CA GLU C 19 -27.06 14.86 -11.87
C GLU C 19 -28.36 14.35 -12.50
N PHE C 20 -29.42 15.12 -12.38
CA PHE C 20 -30.69 14.75 -13.00
C PHE C 20 -31.20 15.89 -13.86
N SER C 21 -30.34 16.87 -14.07
CA SER C 21 -30.70 18.03 -14.89
C SER C 21 -31.20 17.51 -16.23
N SER C 22 -30.64 16.39 -16.66
CA SER C 22 -30.98 15.81 -17.95
C SER C 22 -32.48 15.49 -18.07
N ASP C 23 -32.94 14.57 -17.22
CA ASP C 23 -34.31 14.07 -17.30
C ASP C 23 -35.37 15.17 -17.19
N PHE C 24 -35.07 16.21 -16.43
CA PHE C 24 -36.01 17.30 -16.21
C PHE C 24 -35.90 18.40 -17.27
N LYS C 25 -34.72 18.56 -17.85
CA LYS C 25 -34.57 19.34 -19.07
C LYS C 25 -35.47 18.71 -20.13
N GLU C 26 -35.47 17.37 -20.19
CA GLU C 26 -36.29 16.70 -21.17
C GLU C 26 -37.76 16.99 -20.92
N MET C 27 -38.25 16.52 -19.79
CA MET C 27 -39.64 16.69 -19.42
C MET C 27 -40.13 18.12 -19.63
N ARG C 28 -39.29 19.09 -19.27
CA ARG C 28 -39.64 20.51 -19.37
C ARG C 28 -39.93 21.03 -20.77
N ASN C 29 -39.16 20.62 -21.78
CA ASN C 29 -39.44 21.12 -23.11
C ASN C 29 -40.46 20.28 -23.89
N ILE C 30 -40.63 19.01 -23.50
CA ILE C 30 -41.72 18.21 -24.02
C ILE C 30 -43.05 18.89 -23.66
N ILE C 31 -43.14 19.39 -22.44
CA ILE C 31 -44.33 20.13 -22.04
C ILE C 31 -44.31 21.54 -22.65
N ASP C 32 -43.10 22.02 -22.95
CA ASP C 32 -42.93 23.33 -23.55
C ASP C 32 -43.11 23.28 -25.07
N SER C 33 -43.26 22.09 -25.62
CA SER C 33 -43.36 21.93 -27.06
C SER C 33 -44.80 22.02 -27.54
N ASN C 34 -45.74 21.75 -26.64
CA ASN C 34 -47.16 21.84 -26.95
C ASN C 34 -48.04 22.10 -25.74
N PRO C 35 -48.91 23.12 -25.85
CA PRO C 35 -49.84 23.50 -24.78
C PRO C 35 -50.67 22.31 -24.33
N THR C 36 -51.13 21.53 -25.30
CA THR C 36 -51.81 20.26 -25.02
C THR C 36 -50.85 19.12 -25.27
N LEU C 37 -50.51 18.42 -24.20
CA LEU C 37 -49.75 17.19 -24.30
C LEU C 37 -50.56 16.17 -25.08
N SER C 38 -49.88 15.56 -26.05
CA SER C 38 -50.45 14.42 -26.77
C SER C 38 -50.24 13.16 -25.94
N SER C 39 -50.94 12.09 -26.33
CA SER C 39 -50.76 10.78 -25.75
C SER C 39 -49.28 10.40 -25.76
N GLN C 40 -48.58 10.76 -26.83
CA GLN C 40 -47.17 10.40 -26.99
C GLN C 40 -46.29 11.22 -26.05
N ASP C 41 -46.70 12.46 -25.80
CA ASP C 41 -45.99 13.32 -24.86
C ASP C 41 -46.11 12.86 -23.41
N ILE C 42 -47.33 12.54 -22.97
CA ILE C 42 -47.50 12.10 -21.58
C ILE C 42 -46.91 10.71 -21.37
N ALA C 43 -46.84 9.91 -22.43
CA ALA C 43 -46.25 8.59 -22.32
C ALA C 43 -44.73 8.66 -22.06
N ARG C 44 -44.09 9.66 -22.63
CA ARG C 44 -42.66 9.90 -22.40
C ARG C 44 -42.42 10.46 -21.01
N LEU C 45 -43.27 11.42 -20.63
CA LEU C 45 -43.24 11.98 -19.29
C LEU C 45 -43.37 10.86 -18.26
N GLU C 46 -44.35 9.98 -18.48
CA GLU C 46 -44.56 8.81 -17.64
C GLU C 46 -43.26 8.04 -17.50
N ASP C 47 -42.64 7.74 -18.63
CA ASP C 47 -41.46 6.89 -18.64
C ASP C 47 -40.26 7.54 -17.97
N SER C 48 -40.08 8.83 -18.20
CA SER C 48 -39.15 9.63 -17.40
C SER C 48 -39.41 9.42 -15.91
N PHE C 49 -40.69 9.37 -15.52
CA PHE C 49 -41.04 9.19 -14.11
C PHE C 49 -40.75 7.78 -13.60
N ASP C 50 -40.84 6.80 -14.48
CA ASP C 50 -40.63 5.41 -14.08
C ASP C 50 -39.16 5.18 -13.73
N ARG C 51 -38.29 5.78 -14.53
CA ARG C 51 -36.86 5.60 -14.37
C ARG C 51 -36.33 6.24 -13.10
N ILE C 52 -36.75 7.47 -12.83
CA ILE C 52 -36.19 8.23 -11.71
C ILE C 52 -36.83 7.93 -10.37
N MET C 53 -38.01 7.30 -10.38
CA MET C 53 -38.76 7.07 -9.15
C MET C 53 -37.83 6.56 -8.06
N GLU C 54 -37.03 5.55 -8.39
CA GLU C 54 -36.21 4.85 -7.41
C GLU C 54 -35.17 5.72 -6.69
N PHE C 55 -34.73 6.80 -7.34
CA PHE C 55 -33.75 7.68 -6.75
C PHE C 55 -34.39 8.71 -5.82
N ALA C 56 -35.69 8.95 -5.99
CA ALA C 56 -36.38 9.93 -5.15
C ALA C 56 -36.33 9.56 -3.68
N HIS C 57 -36.15 8.27 -3.41
CA HIS C 57 -36.13 7.71 -2.05
C HIS C 57 -34.80 8.00 -1.36
N ASP C 58 -33.84 8.45 -2.14
CA ASP C 58 -32.51 8.65 -1.61
C ASP C 58 -32.47 9.96 -0.85
N TYR C 59 -31.93 9.92 0.35
CA TYR C 59 -31.72 11.13 1.17
C TYR C 59 -31.10 12.29 0.38
N LYS C 60 -29.98 12.05 -0.29
CA LYS C 60 -29.37 13.10 -1.10
C LYS C 60 -30.13 13.38 -2.38
N HIS C 61 -30.51 12.35 -3.13
CA HIS C 61 -31.13 12.60 -4.44
C HIS C 61 -32.47 13.29 -4.28
N GLY C 62 -33.26 12.79 -3.35
CA GLY C 62 -34.57 13.36 -3.09
C GLY C 62 -34.51 14.85 -2.84
N TYR C 63 -33.58 15.29 -1.99
CA TYR C 63 -33.37 16.71 -1.72
C TYR C 63 -32.98 17.51 -2.97
N LYS C 64 -31.99 17.02 -3.72
CA LYS C 64 -31.56 17.72 -4.92
C LYS C 64 -32.73 17.85 -5.90
N ILE C 65 -33.49 16.77 -6.06
CA ILE C 65 -34.64 16.78 -6.96
C ILE C 65 -35.73 17.78 -6.59
N ILE C 66 -36.01 17.94 -5.30
CA ILE C 66 -37.06 18.85 -4.87
C ILE C 66 -36.53 20.28 -5.03
N THR C 67 -35.27 20.52 -4.68
CA THR C 67 -34.71 21.87 -4.74
C THR C 67 -34.51 22.34 -6.17
N HIS C 68 -34.38 21.41 -7.10
CA HIS C 68 -34.31 21.78 -8.51
C HIS C 68 -35.67 21.75 -9.23
N GLU C 69 -36.47 20.71 -8.99
CA GLU C 69 -37.67 20.49 -9.82
C GLU C 69 -39.01 20.69 -9.15
N PHE C 70 -39.05 21.18 -7.93
CA PHE C 70 -40.32 21.16 -7.22
C PHE C 70 -41.42 21.93 -7.92
N ALA C 71 -41.06 23.08 -8.49
CA ALA C 71 -42.03 23.91 -9.19
C ALA C 71 -42.73 23.09 -10.27
N LEU C 72 -41.92 22.35 -11.03
CA LEU C 72 -42.42 21.49 -12.08
C LEU C 72 -43.25 20.34 -11.51
N LEU C 73 -42.73 19.67 -10.47
CA LEU C 73 -43.41 18.52 -9.89
C LEU C 73 -44.81 18.91 -9.44
N ALA C 74 -44.90 20.02 -8.72
CA ALA C 74 -46.18 20.45 -8.17
C ALA C 74 -47.16 20.85 -9.27
N ASN C 75 -46.68 21.54 -10.30
CA ASN C 75 -47.51 21.82 -11.46
C ASN C 75 -48.17 20.57 -12.06
N LEU C 76 -47.38 19.53 -12.31
CA LEU C 76 -47.93 18.32 -12.93
C LEU C 76 -48.86 17.53 -12.00
N SER C 77 -48.55 17.54 -10.71
CA SER C 77 -49.41 16.89 -9.73
C SER C 77 -50.80 17.55 -9.71
N LEU C 78 -50.80 18.88 -9.68
CA LEU C 78 -52.00 19.67 -9.40
C LEU C 78 -52.82 20.07 -10.64
N ASN C 79 -52.27 19.85 -11.83
CA ASN C 79 -52.98 20.11 -13.09
C ASN C 79 -54.09 19.08 -13.31
N GLU C 80 -55.33 19.50 -13.11
CA GLU C 80 -56.47 18.59 -13.18
C GLU C 80 -56.87 18.21 -14.61
N ASN C 81 -56.36 18.95 -15.59
CA ASN C 81 -56.57 18.59 -16.99
C ASN C 81 -55.78 17.35 -17.38
N LEU C 82 -54.76 17.02 -16.58
CA LEU C 82 -53.93 15.85 -16.85
C LEU C 82 -54.57 14.58 -16.32
N PRO C 83 -54.20 13.43 -16.90
CA PRO C 83 -54.75 12.12 -16.53
C PRO C 83 -54.25 11.70 -15.15
N LEU C 84 -55.10 11.04 -14.38
CA LEU C 84 -54.78 10.60 -13.03
C LEU C 84 -53.44 9.88 -12.88
N THR C 85 -53.12 8.98 -13.81
CA THR C 85 -51.89 8.19 -13.70
C THR C 85 -50.65 9.07 -13.77
N LEU C 86 -50.76 10.19 -14.46
CA LEU C 86 -49.63 11.09 -14.66
C LEU C 86 -49.46 11.94 -13.41
N ARG C 87 -50.55 12.55 -12.97
CA ARG C 87 -50.59 13.24 -11.69
C ARG C 87 -50.06 12.35 -10.55
N GLU C 88 -50.47 11.10 -10.50
CA GLU C 88 -50.01 10.18 -9.45
C GLU C 88 -48.51 10.07 -9.48
N LEU C 89 -47.93 9.96 -10.69
CA LEU C 89 -46.49 9.82 -10.83
C LEU C 89 -45.72 11.02 -10.29
N SER C 90 -46.12 12.23 -10.68
CA SER C 90 -45.42 13.40 -10.12
C SER C 90 -45.66 13.45 -8.61
N THR C 91 -46.90 13.22 -8.19
CA THR C 91 -47.17 13.28 -6.75
C THR C 91 -46.28 12.29 -6.01
N ARG C 92 -46.07 11.13 -6.63
CA ARG C 92 -45.36 10.06 -5.94
C ARG C 92 -43.87 10.36 -5.77
N VAL C 93 -43.32 11.13 -6.70
CA VAL C 93 -41.94 11.63 -6.53
C VAL C 93 -41.86 12.49 -5.28
N ILE C 94 -42.84 13.34 -5.07
CA ILE C 94 -42.82 14.25 -3.93
C ILE C 94 -42.87 13.48 -2.59
N THR C 95 -43.81 12.55 -2.47
CA THR C 95 -43.99 11.77 -1.25
C THR C 95 -42.74 10.98 -0.89
N SER C 96 -42.10 10.42 -1.90
CA SER C 96 -40.86 9.67 -1.70
C SER C 96 -39.71 10.57 -1.29
N CYS C 97 -39.71 11.82 -1.76
CA CYS C 97 -38.64 12.74 -1.40
C CYS C 97 -38.84 13.21 0.04
N LEU C 98 -40.10 13.36 0.43
CA LEU C 98 -40.50 13.88 1.75
C LEU C 98 -40.25 12.95 2.95
N ARG C 99 -40.47 11.66 2.76
CA ARG C 99 -40.51 10.73 3.89
C ARG C 99 -39.15 10.57 4.54
N ASN C 100 -39.12 10.78 5.86
CA ASN C 100 -37.88 10.71 6.64
C ASN C 100 -36.81 11.59 6.07
N ASN C 101 -37.25 12.71 5.51
CA ASN C 101 -36.31 13.62 4.89
C ASN C 101 -36.56 15.05 5.38
N PRO C 102 -36.11 15.33 6.61
CA PRO C 102 -36.33 16.65 7.23
C PRO C 102 -35.92 17.81 6.32
N PRO C 103 -34.76 17.70 5.66
CA PRO C 103 -34.40 18.88 4.88
C PRO C 103 -35.37 19.15 3.71
N VAL C 104 -36.06 18.12 3.23
CA VAL C 104 -37.06 18.36 2.18
C VAL C 104 -38.31 18.96 2.77
N VAL C 105 -38.72 18.45 3.92
CA VAL C 105 -39.89 18.99 4.60
C VAL C 105 -39.72 20.48 4.90
N GLU C 106 -38.58 20.82 5.51
CA GLU C 106 -38.26 22.21 5.82
C GLU C 106 -38.22 23.02 4.53
N PHE C 107 -37.52 22.54 3.53
CA PHE C 107 -37.44 23.28 2.27
C PHE C 107 -38.81 23.68 1.74
N ILE C 108 -39.67 22.69 1.52
CA ILE C 108 -40.96 22.90 0.88
C ILE C 108 -41.85 23.81 1.68
N ASN C 109 -41.96 23.51 2.98
CA ASN C 109 -42.88 24.22 3.86
C ASN C 109 -42.48 25.68 4.01
N GLU C 110 -41.26 25.99 3.63
CA GLU C 110 -40.69 27.30 3.82
C GLU C 110 -40.66 28.10 2.52
N SER C 111 -40.15 27.49 1.45
CA SER C 111 -40.04 28.17 0.16
C SER C 111 -41.36 28.10 -0.62
N PHE C 112 -42.29 27.29 -0.15
CA PHE C 112 -43.52 27.07 -0.88
C PHE C 112 -44.70 26.93 0.09
N PRO C 113 -45.00 28.01 0.83
CA PRO C 113 -46.00 27.88 1.91
C PRO C 113 -47.43 27.67 1.44
N ASN C 114 -47.72 27.88 0.16
CA ASN C 114 -49.09 27.74 -0.32
C ASN C 114 -49.42 26.35 -0.85
N PHE C 115 -48.40 25.51 -0.93
CA PHE C 115 -48.56 24.17 -1.48
C PHE C 115 -49.57 23.34 -0.69
N LYS C 116 -49.44 23.34 0.64
CA LYS C 116 -50.40 22.64 1.50
C LYS C 116 -51.82 22.96 1.06
N SER C 117 -52.11 24.25 0.91
CA SER C 117 -53.47 24.69 0.61
C SER C 117 -53.91 24.24 -0.79
N LYS C 118 -53.00 24.34 -1.76
CA LYS C 118 -53.30 23.85 -3.10
C LYS C 118 -53.62 22.36 -3.01
N ILE C 119 -52.77 21.60 -2.33
CA ILE C 119 -53.02 20.16 -2.18
C ILE C 119 -54.40 19.85 -1.61
N MET C 120 -54.81 20.56 -0.57
CA MET C 120 -56.10 20.28 0.04
C MET C 120 -57.21 20.60 -0.96
N ALA C 121 -56.98 21.61 -1.78
CA ALA C 121 -57.91 21.98 -2.83
C ALA C 121 -58.15 20.82 -3.83
N ALA C 122 -57.07 20.24 -4.34
CA ALA C 122 -57.17 19.08 -5.24
C ALA C 122 -57.85 17.90 -4.55
N LEU C 123 -57.46 17.65 -3.30
CA LEU C 123 -58.13 16.61 -2.51
C LEU C 123 -59.65 16.71 -2.65
N SER C 124 -60.22 17.87 -2.32
CA SER C 124 -61.67 18.03 -2.31
C SER C 124 -62.29 17.93 -3.71
N ASN C 125 -61.60 18.45 -4.71
CA ASN C 125 -62.04 18.32 -6.10
C ASN C 125 -62.07 16.87 -6.57
N LEU C 126 -61.09 16.06 -6.13
CA LEU C 126 -61.13 14.62 -6.35
C LEU C 126 -62.34 13.96 -5.72
N ASN C 127 -62.65 14.33 -4.48
CA ASN C 127 -63.75 13.74 -3.75
C ASN C 127 -65.13 14.12 -4.29
N ASP C 128 -65.17 15.16 -5.13
CA ASP C 128 -66.38 15.48 -5.84
C ASP C 128 -66.48 14.63 -7.12
N SER C 129 -66.43 13.31 -6.95
CA SER C 129 -66.53 12.36 -8.05
C SER C 129 -67.23 11.08 -7.60
N ARG C 132 -65.88 8.06 -8.42
CA ARG C 132 -64.62 7.80 -9.13
C ARG C 132 -63.48 7.55 -8.15
N SER C 133 -62.48 6.77 -8.59
CA SER C 133 -61.35 6.42 -7.74
C SER C 133 -60.05 6.17 -8.54
N SER C 134 -59.09 7.09 -8.50
CA SER C 134 -59.17 8.37 -7.79
C SER C 134 -58.87 8.32 -6.28
N ASN C 135 -59.22 7.22 -5.63
CA ASN C 135 -58.79 7.00 -4.26
C ASN C 135 -57.26 7.03 -4.10
N ILE C 136 -56.54 6.61 -5.13
CA ILE C 136 -55.08 6.56 -5.09
C ILE C 136 -54.43 7.93 -4.94
N LEU C 137 -54.83 8.86 -5.80
CA LEU C 137 -54.33 10.22 -5.69
C LEU C 137 -54.80 10.82 -4.36
N ILE C 138 -56.03 10.55 -3.95
CA ILE C 138 -56.47 11.02 -2.64
C ILE C 138 -55.41 10.66 -1.60
N LYS C 139 -55.04 9.38 -1.59
CA LYS C 139 -54.08 8.87 -0.62
C LYS C 139 -52.72 9.54 -0.70
N ARG C 140 -52.27 9.91 -1.91
CA ARG C 140 -50.96 10.54 -2.06
C ARG C 140 -50.97 11.94 -1.45
N TYR C 141 -52.08 12.63 -1.66
CA TYR C 141 -52.30 13.96 -1.11
C TYR C 141 -52.37 13.88 0.40
N LEU C 142 -53.13 12.92 0.93
CA LEU C 142 -53.18 12.72 2.37
C LEU C 142 -51.77 12.47 2.87
N SER C 143 -50.99 11.67 2.15
CA SER C 143 -49.64 11.36 2.60
C SER C 143 -48.80 12.61 2.72
N ILE C 144 -48.87 13.47 1.71
CA ILE C 144 -48.18 14.74 1.72
C ILE C 144 -48.64 15.62 2.89
N LEU C 145 -49.94 15.84 3.02
CA LEU C 145 -50.45 16.68 4.11
C LEU C 145 -49.98 16.17 5.47
N ASN C 146 -49.73 14.87 5.57
CA ASN C 146 -49.31 14.27 6.82
C ASN C 146 -47.81 14.36 7.09
N GLU C 147 -47.02 14.55 6.03
CA GLU C 147 -45.58 14.73 6.17
C GLU C 147 -45.21 16.20 6.44
N LEU C 148 -46.09 17.11 6.05
CA LEU C 148 -45.81 18.54 6.21
C LEU C 148 -46.35 19.03 7.57
N PRO C 149 -45.73 20.08 8.14
CA PRO C 149 -46.32 20.52 9.41
C PRO C 149 -47.74 21.03 9.22
N VAL C 150 -48.56 20.82 10.25
CA VAL C 150 -49.91 21.35 10.30
C VAL C 150 -49.96 22.28 11.50
N THR C 151 -50.15 23.57 11.25
CA THR C 151 -50.24 24.52 12.34
C THR C 151 -51.60 25.17 12.43
N SER C 152 -51.72 26.06 13.42
CA SER C 152 -52.94 26.81 13.66
C SER C 152 -53.33 27.66 12.44
N GLU C 153 -52.31 28.06 11.68
CA GLU C 153 -52.51 28.84 10.47
C GLU C 153 -53.37 28.11 9.42
N ASP C 154 -53.00 26.85 9.13
CA ASP C 154 -53.60 26.09 8.04
C ASP C 154 -55.07 25.71 8.29
N LEU C 155 -55.57 26.05 9.47
CA LEU C 155 -56.91 25.64 9.83
C LEU C 155 -57.97 26.39 9.03
N TYR C 158 -58.24 23.56 5.63
CA TYR C 158 -58.49 22.15 5.94
C TYR C 158 -59.91 21.91 6.42
N SER C 159 -60.82 21.55 5.53
CA SER C 159 -62.23 21.42 5.91
C SER C 159 -62.54 20.12 6.64
N THR C 160 -63.22 20.24 7.78
CA THR C 160 -63.67 19.08 8.54
C THR C 160 -64.72 18.34 7.73
N VAL C 161 -65.49 19.06 6.93
CA VAL C 161 -66.58 18.46 6.16
C VAL C 161 -66.08 17.67 4.97
N VAL C 162 -65.11 18.21 4.23
CA VAL C 162 -64.54 17.49 3.10
C VAL C 162 -63.91 16.21 3.62
N LEU C 163 -63.02 16.35 4.60
CA LEU C 163 -62.36 15.19 5.21
C LEU C 163 -63.33 14.15 5.73
N GLN C 164 -64.36 14.58 6.46
CA GLN C 164 -65.33 13.62 6.98
C GLN C 164 -66.10 13.00 5.82
N ASN C 165 -66.24 13.74 4.72
CA ASN C 165 -66.89 13.21 3.52
C ASN C 165 -66.03 12.14 2.85
N VAL C 166 -64.76 12.46 2.63
CA VAL C 166 -63.80 11.49 2.10
C VAL C 166 -63.76 10.25 3.00
N TYR C 167 -63.64 10.47 4.30
CA TYR C 167 -63.67 9.38 5.26
C TYR C 167 -64.87 8.47 5.03
N GLU C 168 -66.05 9.08 5.02
CA GLU C 168 -67.30 8.33 4.91
C GLU C 168 -67.44 7.61 3.59
N ARG C 169 -67.10 8.31 2.50
CA ARG C 169 -67.24 7.74 1.15
C ARG C 169 -66.45 6.44 0.98
N ASN C 170 -65.42 6.25 1.80
CA ASN C 170 -64.43 5.21 1.53
C ASN C 170 -64.22 4.12 2.58
N ASN C 171 -65.28 3.68 3.24
CA ASN C 171 -65.15 2.60 4.22
C ASN C 171 -64.53 1.36 3.58
N LYS C 172 -64.61 1.33 2.25
CA LYS C 172 -64.02 0.29 1.42
C LYS C 172 -62.50 0.36 1.45
N ASP C 173 -61.96 1.51 1.85
CA ASP C 173 -60.52 1.74 1.83
C ASP C 173 -59.99 2.15 3.20
N LYS C 174 -59.65 1.15 4.01
CA LYS C 174 -59.24 1.39 5.38
C LYS C 174 -57.93 2.18 5.42
N GLN C 175 -57.07 1.93 4.43
CA GLN C 175 -55.79 2.61 4.37
C GLN C 175 -56.00 4.11 4.23
N LEU C 176 -57.04 4.47 3.47
CA LEU C 176 -57.35 5.86 3.23
C LEU C 176 -57.94 6.50 4.50
N GLN C 177 -58.95 5.84 5.07
CA GLN C 177 -59.50 6.28 6.35
C GLN C 177 -58.39 6.50 7.36
N ILE C 178 -57.46 5.55 7.44
CA ILE C 178 -56.36 5.66 8.39
C ILE C 178 -55.58 6.94 8.20
N LYS C 179 -55.35 7.29 6.94
CA LYS C 179 -54.62 8.51 6.63
C LYS C 179 -55.42 9.78 6.95
N VAL C 180 -56.75 9.72 6.76
CA VAL C 180 -57.59 10.84 7.16
C VAL C 180 -57.53 11.03 8.68
N LEU C 181 -57.57 9.94 9.44
CA LEU C 181 -57.67 10.04 10.88
C LEU C 181 -56.35 10.53 11.45
N GLU C 182 -55.25 10.16 10.78
CA GLU C 182 -53.92 10.68 11.13
C GLU C 182 -53.89 12.21 11.03
N LEU C 183 -54.45 12.74 9.94
CA LEU C 183 -54.48 14.19 9.67
C LEU C 183 -55.37 14.93 10.67
N ILE C 184 -56.46 14.29 11.08
CA ILE C 184 -57.35 14.87 12.06
C ILE C 184 -56.64 14.98 13.43
N SER C 185 -55.81 13.98 13.75
CA SER C 185 -55.01 14.01 14.98
C SER C 185 -54.10 15.23 15.02
N LYS C 186 -53.59 15.60 13.84
CA LYS C 186 -52.69 16.72 13.70
C LYS C 186 -53.44 18.05 13.74
N ILE C 187 -54.66 18.06 13.24
CA ILE C 187 -55.43 19.30 13.21
C ILE C 187 -55.90 19.65 14.61
N LEU C 188 -56.36 18.64 15.33
CA LEU C 188 -56.79 18.85 16.71
C LEU C 188 -55.61 19.36 17.57
N LYS C 189 -54.43 18.78 17.33
CA LYS C 189 -53.24 19.19 18.06
C LYS C 189 -52.96 20.68 17.87
N ALA C 190 -53.02 21.14 16.62
CA ALA C 190 -52.71 22.52 16.26
C ALA C 190 -53.77 23.56 16.70
N ASP C 191 -54.99 23.08 16.98
CA ASP C 191 -56.10 23.95 17.30
C ASP C 191 -56.24 24.22 18.79
N MET C 192 -56.27 23.15 19.59
CA MET C 192 -56.66 23.28 20.99
C MET C 192 -56.39 21.99 21.76
N TYR C 193 -55.22 21.90 22.38
CA TYR C 193 -54.15 22.89 22.19
C TYR C 193 -52.77 22.26 22.42
N GLU C 194 -51.86 22.48 21.47
CA GLU C 194 -50.45 22.07 21.55
C GLU C 194 -49.73 22.26 20.20
N LEU C 214 -65.38 17.34 17.58
CA LEU C 214 -66.77 16.88 17.66
C LEU C 214 -66.85 15.35 17.78
N GLN C 215 -68.02 14.89 18.25
CA GLN C 215 -68.27 13.51 18.62
C GLN C 215 -68.12 12.50 17.48
N GLU C 216 -68.57 12.86 16.29
CA GLU C 216 -68.47 11.93 15.17
C GLU C 216 -67.02 11.47 14.93
N TRP C 217 -66.06 12.39 15.08
CA TRP C 217 -64.65 12.04 14.94
C TRP C 217 -64.15 11.13 16.07
N ALA C 218 -64.56 11.42 17.31
CA ALA C 218 -64.16 10.61 18.45
C ALA C 218 -64.72 9.22 18.25
N ASN C 219 -65.88 9.17 17.60
CA ASN C 219 -66.45 7.90 17.27
C ASN C 219 -65.63 7.15 16.20
N GLU C 220 -65.05 7.88 15.24
CA GLU C 220 -64.25 7.20 14.20
C GLU C 220 -62.97 6.63 14.80
N PHE C 221 -62.29 7.45 15.61
CA PHE C 221 -61.04 7.05 16.27
C PHE C 221 -61.23 5.76 17.08
N GLN C 222 -62.32 5.71 17.87
CA GLN C 222 -62.62 4.62 18.79
C GLN C 222 -62.87 3.32 18.03
N GLU C 223 -63.57 3.43 16.90
CA GLU C 223 -63.76 2.29 16.01
C GLU C 223 -62.42 1.81 15.43
N MET C 224 -61.67 2.73 14.88
CA MET C 224 -60.45 2.37 14.14
C MET C 224 -59.35 1.85 15.06
N VAL C 225 -59.21 2.48 16.23
CA VAL C 225 -58.21 2.08 17.22
C VAL C 225 -58.30 0.60 17.61
N GLN C 226 -59.49 0.01 17.48
CA GLN C 226 -59.66 -1.40 17.81
C GLN C 226 -59.34 -2.29 16.63
N ASN C 227 -59.18 -1.68 15.47
CA ASN C 227 -58.85 -2.46 14.28
C ASN C 227 -57.61 -3.29 14.55
N LYS C 228 -57.70 -4.59 14.28
CA LYS C 228 -56.60 -5.50 14.58
C LYS C 228 -55.44 -5.34 13.60
N SER C 229 -55.69 -4.80 12.40
CA SER C 229 -54.65 -4.65 11.39
C SER C 229 -53.83 -3.37 11.54
N ILE C 230 -54.34 -2.44 12.33
CA ILE C 230 -53.65 -1.19 12.62
C ILE C 230 -52.33 -1.49 13.34
N ASP C 231 -51.29 -0.73 13.01
CA ASP C 231 -49.98 -0.91 13.66
C ASP C 231 -49.85 -0.06 14.93
N GLU C 232 -48.84 -0.37 15.74
CA GLU C 232 -48.69 0.21 17.07
C GLU C 232 -48.55 1.74 17.07
N LEU C 233 -47.90 2.30 16.04
CA LEU C 233 -47.72 3.74 15.97
C LEU C 233 -49.02 4.47 15.64
N HIS C 234 -49.90 3.80 14.91
CA HIS C 234 -51.20 4.40 14.62
C HIS C 234 -52.13 4.25 15.82
N THR C 235 -51.97 3.13 16.52
CA THR C 235 -52.72 2.86 17.74
C THR C 235 -52.46 3.96 18.75
N ARG C 236 -51.18 4.27 18.99
CA ARG C 236 -50.79 5.36 19.86
C ARG C 236 -51.39 6.69 19.45
N THR C 237 -51.27 7.04 18.17
CA THR C 237 -51.75 8.32 17.68
C THR C 237 -53.26 8.48 17.94
N PHE C 238 -54.01 7.45 17.57
CA PHE C 238 -55.45 7.45 17.79
C PHE C 238 -55.76 7.46 19.30
N PHE C 239 -55.03 6.65 20.06
CA PHE C 239 -55.21 6.64 21.50
C PHE C 239 -55.03 8.03 22.09
N ASP C 240 -53.87 8.63 21.85
CA ASP C 240 -53.57 9.97 22.39
C ASP C 240 -54.64 10.99 22.04
N THR C 241 -55.17 10.94 20.83
CA THR C 241 -56.19 11.89 20.43
C THR C 241 -57.42 11.70 21.32
N LEU C 242 -57.77 10.44 21.62
CA LEU C 242 -58.94 10.19 22.42
C LEU C 242 -58.70 10.55 23.88
N TYR C 243 -57.52 10.17 24.37
CA TYR C 243 -57.08 10.49 25.70
C TYR C 243 -57.20 12.00 25.92
N ASN C 244 -56.57 12.77 25.04
CA ASN C 244 -56.61 14.22 25.14
C ASN C 244 -58.04 14.79 25.09
N LEU C 245 -58.84 14.28 24.17
CA LEU C 245 -60.19 14.80 24.07
C LEU C 245 -60.96 14.57 25.37
N LYS C 246 -60.77 13.40 25.96
CA LYS C 246 -61.46 13.00 27.17
C LYS C 246 -60.90 13.66 28.43
N LYS C 247 -59.61 13.97 28.41
CA LYS C 247 -58.99 14.73 29.48
C LYS C 247 -59.48 16.18 29.44
N ILE C 248 -59.75 16.67 28.24
CA ILE C 248 -60.14 18.07 28.03
C ILE C 248 -61.64 18.35 28.16
N PHE C 249 -62.49 17.56 27.52
CA PHE C 249 -63.94 17.82 27.54
C PHE C 249 -64.69 16.94 28.53
N LYS C 250 -63.99 15.97 29.10
CA LYS C 250 -64.59 15.09 30.08
C LYS C 250 -65.93 14.56 29.56
N SER C 251 -67.00 14.86 30.29
CA SER C 251 -68.30 14.25 30.02
C SER C 251 -68.92 14.69 28.70
N ASP C 252 -68.40 15.78 28.12
CA ASP C 252 -68.96 16.32 26.89
C ASP C 252 -68.52 15.53 25.65
N ILE C 253 -67.54 14.65 25.84
CA ILE C 253 -67.20 13.65 24.82
C ILE C 253 -67.59 12.30 25.35
N THR C 254 -68.37 11.57 24.58
CA THR C 254 -68.80 10.27 25.04
C THR C 254 -67.87 9.18 24.53
N ILE C 255 -67.34 8.40 25.48
CA ILE C 255 -66.52 7.24 25.17
C ILE C 255 -67.44 6.03 25.26
N ASN C 256 -67.42 5.21 24.21
CA ASN C 256 -68.34 4.09 24.09
C ASN C 256 -67.85 2.78 24.71
N LYS C 257 -68.79 1.84 24.82
CA LYS C 257 -68.57 0.60 25.55
C LYS C 257 -67.48 -0.25 24.92
N GLY C 258 -67.53 -0.42 23.61
CA GLY C 258 -66.55 -1.25 22.93
C GLY C 258 -65.12 -0.80 23.14
N PHE C 259 -64.90 0.50 22.98
CA PHE C 259 -63.58 1.05 23.23
C PHE C 259 -63.14 0.68 24.63
N LEU C 260 -64.06 0.81 25.59
CA LEU C 260 -63.73 0.49 26.98
C LEU C 260 -63.36 -0.98 27.14
N ASN C 261 -64.01 -1.85 26.37
CA ASN C 261 -63.63 -3.27 26.34
C ASN C 261 -62.26 -3.51 25.76
N TRP C 262 -61.97 -2.80 24.66
CA TRP C 262 -60.65 -2.89 24.04
C TRP C 262 -59.58 -2.37 25.00
N LEU C 263 -59.87 -1.24 25.65
CA LEU C 263 -58.95 -0.66 26.61
C LEU C 263 -58.61 -1.64 27.73
N ALA C 264 -59.59 -2.40 28.18
CA ALA C 264 -59.36 -3.42 29.20
C ALA C 264 -58.44 -4.56 28.70
N GLN C 265 -58.74 -5.10 27.52
CA GLN C 265 -57.90 -6.16 26.94
C GLN C 265 -56.46 -5.67 26.73
N GLN C 266 -56.34 -4.48 26.17
CA GLN C 266 -55.07 -3.82 25.95
C GLN C 266 -54.33 -3.57 27.28
N CYS C 267 -55.08 -3.39 28.36
CA CYS C 267 -54.46 -3.16 29.68
C CYS C 267 -53.74 -4.39 30.20
N LYS C 268 -54.36 -5.56 30.10
CA LYS C 268 -53.72 -6.75 30.64
C LYS C 268 -52.54 -7.17 29.78
N ALA C 269 -52.72 -7.17 28.46
CA ALA C 269 -51.64 -7.51 27.53
C ALA C 269 -50.38 -6.65 27.73
N ARG C 270 -50.58 -5.36 27.96
CA ARG C 270 -49.47 -4.43 28.01
C ARG C 270 -48.85 -4.34 29.41
N GLN C 271 -49.65 -4.62 30.43
CA GLN C 271 -49.11 -4.76 31.79
C GLN C 271 -48.29 -6.03 31.86
N SER C 272 -48.79 -7.10 31.24
CA SER C 272 -48.01 -8.32 31.13
C SER C 272 -46.71 -8.12 30.33
N ASN C 273 -46.63 -7.07 29.52
CA ASN C 273 -45.38 -6.75 28.83
C ASN C 273 -44.39 -6.06 29.74
N LEU C 274 -44.89 -5.13 30.56
CA LEU C 274 -44.04 -4.46 31.54
C LEU C 274 -43.48 -5.49 32.51
N ASP C 275 -44.28 -6.52 32.79
CA ASP C 275 -44.03 -7.41 33.92
C ASP C 275 -43.15 -8.64 33.69
N ASN C 276 -42.29 -8.60 32.68
CA ASN C 276 -41.28 -9.65 32.54
C ASN C 276 -39.87 -9.08 32.60
N GLY C 277 -38.93 -9.82 32.03
CA GLY C 277 -37.58 -9.30 31.78
C GLY C 277 -37.45 -9.10 30.29
N LEU C 278 -36.22 -8.92 29.80
CA LEU C 278 -35.08 -8.74 30.67
C LEU C 278 -34.74 -7.27 30.71
N GLN C 279 -33.45 -6.98 30.87
CA GLN C 279 -32.98 -5.61 30.98
C GLN C 279 -33.41 -4.74 29.79
N GLU C 280 -33.30 -5.30 28.59
CA GLU C 280 -33.41 -4.50 27.36
C GLU C 280 -34.42 -3.35 27.39
N ARG C 281 -35.70 -3.67 27.19
CA ARG C 281 -36.78 -2.69 27.12
C ARG C 281 -36.76 -1.73 25.90
N ASP C 282 -37.95 -1.46 25.39
CA ASP C 282 -38.17 -0.34 24.49
C ASP C 282 -38.75 0.77 25.37
N THR C 283 -37.91 1.74 25.71
CA THR C 283 -38.27 2.83 26.60
C THR C 283 -39.56 3.50 26.18
N GLU C 284 -39.64 3.85 24.90
CA GLU C 284 -40.81 4.55 24.39
C GLU C 284 -42.06 3.67 24.52
N GLN C 285 -41.94 2.38 24.21
CA GLN C 285 -43.08 1.48 24.35
C GLN C 285 -43.51 1.33 25.81
N ASP C 286 -42.54 1.23 26.71
CA ASP C 286 -42.87 1.05 28.12
C ASP C 286 -43.69 2.21 28.68
N SER C 287 -43.27 3.42 28.35
CA SER C 287 -43.96 4.61 28.85
C SER C 287 -45.37 4.68 28.30
N PHE C 288 -45.52 4.42 27.00
CA PHE C 288 -46.87 4.44 26.44
C PHE C 288 -47.77 3.41 27.13
N ASP C 289 -47.23 2.24 27.44
CA ASP C 289 -48.03 1.21 28.12
C ASP C 289 -48.53 1.73 29.46
N LYS C 290 -47.60 2.23 30.27
CA LYS C 290 -47.91 2.81 31.58
C LYS C 290 -48.99 3.87 31.45
N LYS C 291 -48.88 4.71 30.42
CA LYS C 291 -49.80 5.83 30.24
C LYS C 291 -51.21 5.33 29.89
N LEU C 292 -51.27 4.21 29.19
CA LEU C 292 -52.56 3.70 28.79
C LEU C 292 -53.21 2.91 29.94
N ILE C 293 -52.41 2.18 30.68
CA ILE C 293 -52.89 1.48 31.87
C ILE C 293 -53.50 2.47 32.89
N ASP C 294 -52.77 3.53 33.23
CA ASP C 294 -53.25 4.56 34.15
C ASP C 294 -54.51 5.25 33.67
N SER C 295 -54.67 5.33 32.36
CA SER C 295 -55.74 6.12 31.78
C SER C 295 -57.06 5.63 32.29
N ARG C 296 -57.12 4.34 32.62
CA ARG C 296 -58.37 3.71 33.06
C ARG C 296 -58.84 4.33 34.36
N HIS C 297 -57.93 4.42 35.31
CA HIS C 297 -58.22 4.96 36.63
C HIS C 297 -57.93 6.44 36.62
N LEU C 298 -58.83 7.22 36.04
CA LEU C 298 -58.60 8.65 35.87
C LEU C 298 -59.46 9.17 34.74
N ILE C 299 -58.92 9.03 33.54
CA ILE C 299 -59.49 9.60 32.33
C ILE C 299 -60.67 8.82 31.73
N PHE C 300 -60.51 7.50 31.60
CA PHE C 300 -61.60 6.65 31.15
C PHE C 300 -62.13 5.85 32.34
N GLU D 19 28.21 13.38 -7.41
CA GLU D 19 28.35 11.93 -7.32
C GLU D 19 27.09 11.34 -6.65
N PHE D 20 26.94 11.64 -5.37
CA PHE D 20 25.66 11.61 -4.67
C PHE D 20 25.65 12.96 -3.98
N SER D 21 26.35 13.91 -4.60
CA SER D 21 26.51 15.25 -4.09
C SER D 21 25.15 15.93 -4.00
N SER D 22 24.29 15.62 -4.97
CA SER D 22 22.92 16.15 -5.00
C SER D 22 22.28 16.06 -3.63
N ASP D 23 21.92 14.84 -3.21
CA ASP D 23 21.30 14.62 -1.91
C ASP D 23 22.26 15.02 -0.79
N PHE D 24 23.55 15.01 -1.11
CA PHE D 24 24.59 15.48 -0.19
C PHE D 24 24.36 16.97 0.13
N LYS D 25 24.36 17.80 -0.92
CA LYS D 25 24.14 19.23 -0.77
C LYS D 25 22.76 19.55 -0.16
N GLU D 26 21.71 18.95 -0.73
CA GLU D 26 20.35 19.21 -0.29
C GLU D 26 20.17 19.02 1.21
N MET D 27 20.67 17.90 1.71
CA MET D 27 20.48 17.47 3.09
C MET D 27 20.86 18.57 4.09
N ARG D 28 22.11 19.00 4.00
CA ARG D 28 22.63 20.04 4.89
C ARG D 28 21.80 21.33 4.84
N ASN D 29 21.52 21.83 3.64
CA ASN D 29 20.74 23.06 3.49
C ASN D 29 19.58 23.16 4.47
N ILE D 30 18.96 22.02 4.74
CA ILE D 30 17.77 21.95 5.58
C ILE D 30 18.08 22.16 7.07
N ILE D 31 19.33 21.94 7.45
CA ILE D 31 19.76 22.16 8.84
C ILE D 31 20.71 23.35 8.95
N ASP D 32 21.40 23.65 7.85
CA ASP D 32 22.28 24.80 7.80
C ASP D 32 21.46 26.08 7.67
N SER D 33 20.15 25.91 7.76
CA SER D 33 19.23 27.06 7.78
C SER D 33 18.51 27.06 9.12
N ASN D 34 19.19 27.58 10.14
CA ASN D 34 18.71 27.55 11.52
C ASN D 34 18.83 26.16 12.14
N PRO D 35 19.77 26.00 13.09
CA PRO D 35 20.13 24.73 13.72
C PRO D 35 19.00 24.05 14.51
N THR D 36 17.80 24.62 14.45
CA THR D 36 16.66 24.05 15.16
C THR D 36 15.58 23.55 14.18
N LEU D 37 15.06 22.35 14.45
CA LEU D 37 14.20 21.66 13.51
C LEU D 37 12.76 21.49 13.98
N SER D 38 11.82 21.75 13.07
CA SER D 38 10.41 21.56 13.36
C SER D 38 10.01 20.14 12.98
N SER D 39 8.74 19.95 12.65
CA SER D 39 8.28 18.67 12.14
C SER D 39 8.46 18.62 10.63
N GLN D 40 7.85 19.57 9.92
CA GLN D 40 8.01 19.68 8.48
C GLN D 40 9.47 19.49 8.10
N ASP D 41 10.35 20.00 8.96
CA ASP D 41 11.78 19.85 8.77
C ASP D 41 12.16 18.38 8.72
N ILE D 42 11.84 17.66 9.80
CA ILE D 42 12.25 16.28 9.97
C ILE D 42 11.80 15.37 8.82
N ALA D 43 10.50 15.34 8.56
CA ALA D 43 9.95 14.51 7.48
C ALA D 43 10.79 14.62 6.23
N ARG D 44 11.18 15.84 5.87
CA ARG D 44 11.97 16.09 4.67
C ARG D 44 13.30 15.32 4.63
N LEU D 45 13.98 15.20 5.76
CA LEU D 45 15.24 14.48 5.80
C LEU D 45 14.99 12.98 5.85
N GLU D 46 13.97 12.60 6.61
CA GLU D 46 13.46 11.26 6.60
C GLU D 46 13.30 10.82 5.16
N ASP D 47 12.48 11.55 4.41
CA ASP D 47 12.24 11.25 3.02
C ASP D 47 13.54 11.04 2.27
N SER D 48 14.35 12.10 2.18
CA SER D 48 15.66 12.03 1.55
C SER D 48 16.38 10.71 1.87
N PHE D 49 16.21 10.22 3.09
CA PHE D 49 16.92 9.02 3.51
C PHE D 49 16.45 7.72 2.85
N ASP D 50 15.19 7.36 3.00
CA ASP D 50 14.69 6.12 2.41
C ASP D 50 14.86 6.11 0.89
N ARG D 51 15.03 7.30 0.30
CA ARG D 51 15.36 7.42 -1.11
C ARG D 51 16.73 6.81 -1.40
N ILE D 52 17.76 7.38 -0.77
CA ILE D 52 19.13 6.93 -1.01
C ILE D 52 19.47 5.58 -0.40
N MET D 53 18.64 5.12 0.54
CA MET D 53 18.87 3.86 1.24
C MET D 53 19.36 2.77 0.30
N GLU D 54 18.59 2.49 -0.73
CA GLU D 54 18.92 1.36 -1.60
C GLU D 54 20.34 1.44 -2.17
N PHE D 55 20.88 2.65 -2.35
CA PHE D 55 22.20 2.76 -2.96
C PHE D 55 23.33 2.42 -1.97
N ALA D 56 23.11 2.75 -0.71
CA ALA D 56 24.07 2.45 0.34
C ALA D 56 24.51 0.99 0.32
N HIS D 57 23.58 0.09 0.00
CA HIS D 57 23.88 -1.34 -0.03
C HIS D 57 24.90 -1.69 -1.12
N ASP D 58 25.06 -0.79 -2.08
CA ASP D 58 25.94 -1.06 -3.21
C ASP D 58 27.38 -0.83 -2.84
N TYR D 59 28.22 -1.81 -3.14
CA TYR D 59 29.62 -1.78 -2.78
C TYR D 59 30.25 -0.45 -3.11
N LYS D 60 30.02 0.04 -4.33
CA LYS D 60 30.64 1.28 -4.78
C LYS D 60 29.99 2.54 -4.18
N HIS D 61 28.67 2.68 -4.31
CA HIS D 61 28.00 3.85 -3.75
C HIS D 61 28.23 3.89 -2.25
N GLY D 62 28.18 2.72 -1.63
CA GLY D 62 28.44 2.60 -0.21
C GLY D 62 29.74 3.29 0.17
N TYR D 63 30.79 3.04 -0.61
CA TYR D 63 32.09 3.68 -0.35
C TYR D 63 32.04 5.19 -0.58
N LYS D 64 31.08 5.67 -1.37
CA LYS D 64 30.95 7.10 -1.64
C LYS D 64 30.26 7.85 -0.51
N ILE D 65 29.11 7.34 -0.05
CA ILE D 65 28.30 8.07 0.92
C ILE D 65 29.02 8.20 2.24
N ILE D 66 29.98 7.32 2.48
CA ILE D 66 30.63 7.25 3.77
C ILE D 66 31.87 8.16 3.76
N THR D 67 32.68 8.06 2.71
CA THR D 67 33.88 8.88 2.62
C THR D 67 33.52 10.33 2.27
N HIS D 68 32.26 10.56 1.93
CA HIS D 68 31.83 11.90 1.57
C HIS D 68 31.03 12.58 2.68
N GLU D 69 30.23 11.79 3.39
CA GLU D 69 29.19 12.38 4.22
C GLU D 69 29.16 11.81 5.66
N PHE D 70 30.18 11.01 6.00
CA PHE D 70 30.20 10.32 7.28
C PHE D 70 29.90 11.22 8.48
N ALA D 71 30.74 12.24 8.68
CA ALA D 71 30.53 13.13 9.81
C ALA D 71 29.05 13.48 9.93
N LEU D 72 28.46 13.90 8.81
CA LEU D 72 27.06 14.27 8.83
C LEU D 72 26.17 13.10 9.30
N LEU D 73 26.40 11.91 8.76
CA LEU D 73 25.65 10.73 9.20
C LEU D 73 25.91 10.44 10.66
N ALA D 74 27.19 10.32 11.02
CA ALA D 74 27.59 10.12 12.41
C ALA D 74 26.81 11.03 13.35
N ASN D 75 26.89 12.34 13.11
CA ASN D 75 26.18 13.32 13.93
C ASN D 75 24.70 12.99 14.12
N LEU D 76 23.98 12.85 13.01
CA LEU D 76 22.54 12.58 13.03
C LEU D 76 22.17 11.35 13.85
N SER D 77 23.02 10.34 13.80
CA SER D 77 22.77 9.09 14.51
C SER D 77 23.01 9.25 16.02
N LEU D 78 23.98 10.09 16.36
CA LEU D 78 24.43 10.22 17.74
C LEU D 78 23.72 11.35 18.51
N ASN D 79 23.13 12.29 17.77
CA ASN D 79 22.42 13.43 18.36
C ASN D 79 21.18 13.03 19.17
N GLU D 80 21.34 12.96 20.49
CA GLU D 80 20.30 12.45 21.38
C GLU D 80 19.12 13.41 21.49
N ASN D 81 19.28 14.60 20.89
CA ASN D 81 18.17 15.54 20.76
C ASN D 81 17.12 15.20 19.70
N LEU D 82 17.47 14.32 18.76
CA LEU D 82 16.57 14.02 17.64
C LEU D 82 15.69 12.80 17.89
N PRO D 83 14.58 12.70 17.15
CA PRO D 83 13.68 11.54 17.24
C PRO D 83 14.42 10.25 16.86
N LEU D 84 14.14 9.15 17.56
CA LEU D 84 14.73 7.86 17.21
C LEU D 84 14.45 7.48 15.75
N THR D 85 13.36 7.97 15.20
CA THR D 85 13.06 7.69 13.80
C THR D 85 14.20 8.16 12.88
N LEU D 86 14.55 9.44 12.97
CA LEU D 86 15.63 9.98 12.15
C LEU D 86 17.01 9.48 12.61
N ARG D 87 17.13 9.13 13.89
CA ARG D 87 18.39 8.64 14.41
C ARG D 87 18.81 7.38 13.66
N GLU D 88 17.90 6.40 13.60
CA GLU D 88 18.23 5.12 12.97
C GLU D 88 18.25 5.18 11.44
N LEU D 89 17.51 6.11 10.85
CA LEU D 89 17.60 6.32 9.41
C LEU D 89 19.05 6.52 9.05
N SER D 90 19.67 7.54 9.65
CA SER D 90 21.08 7.82 9.43
C SER D 90 21.92 6.59 9.73
N THR D 91 21.55 5.89 10.80
CA THR D 91 22.39 4.84 11.33
C THR D 91 22.31 3.64 10.41
N ARG D 92 21.16 3.49 9.77
CA ARG D 92 20.96 2.39 8.83
C ARG D 92 21.77 2.55 7.55
N VAL D 93 21.91 3.78 7.07
CA VAL D 93 22.86 4.06 6.00
C VAL D 93 24.23 3.50 6.36
N ILE D 94 24.77 3.92 7.50
CA ILE D 94 26.10 3.48 7.92
C ILE D 94 26.23 1.95 7.98
N THR D 95 25.26 1.25 8.57
CA THR D 95 25.31 -0.22 8.61
C THR D 95 25.14 -0.87 7.23
N SER D 96 24.38 -0.21 6.35
CA SER D 96 24.22 -0.72 4.99
C SER D 96 25.54 -0.59 4.22
N CYS D 97 26.23 0.53 4.37
CA CYS D 97 27.51 0.74 3.70
C CYS D 97 28.53 -0.28 4.21
N LEU D 98 28.48 -0.58 5.50
CA LEU D 98 29.49 -1.42 6.16
C LEU D 98 29.42 -2.90 5.78
N ARG D 99 28.21 -3.45 5.65
CA ARG D 99 28.09 -4.89 5.55
C ARG D 99 28.78 -5.45 4.30
N ASN D 100 29.63 -6.44 4.50
CA ASN D 100 30.43 -6.99 3.42
C ASN D 100 31.10 -5.91 2.59
N ASN D 101 31.62 -4.91 3.29
CA ASN D 101 32.30 -3.80 2.65
C ASN D 101 33.64 -3.39 3.29
N PRO D 102 34.68 -4.20 3.08
CA PRO D 102 36.00 -3.57 3.13
C PRO D 102 36.19 -2.93 1.75
N PRO D 103 36.73 -1.70 1.68
CA PRO D 103 37.41 -0.92 2.71
C PRO D 103 36.54 0.15 3.37
N VAL D 104 35.22 -0.03 3.34
CA VAL D 104 34.37 0.93 4.05
C VAL D 104 34.60 0.81 5.54
N VAL D 105 34.90 -0.41 5.99
CA VAL D 105 35.21 -0.66 7.40
C VAL D 105 36.58 -0.08 7.71
N GLU D 106 37.55 -0.46 6.86
CA GLU D 106 38.92 -0.01 7.00
C GLU D 106 38.98 1.50 7.01
N PHE D 107 38.01 2.13 6.36
CA PHE D 107 37.96 3.58 6.36
C PHE D 107 37.49 4.14 7.70
N ILE D 108 36.26 3.80 8.08
CA ILE D 108 35.70 4.34 9.32
C ILE D 108 36.61 4.02 10.49
N ASN D 109 37.07 2.78 10.56
CA ASN D 109 37.96 2.33 11.62
C ASN D 109 39.22 3.20 11.78
N GLU D 110 39.80 3.61 10.66
CA GLU D 110 41.09 4.30 10.67
C GLU D 110 41.03 5.81 10.49
N SER D 111 39.84 6.39 10.37
CA SER D 111 39.74 7.85 10.21
C SER D 111 38.83 8.48 11.26
N PHE D 112 38.09 7.64 11.98
CA PHE D 112 37.30 8.11 13.12
C PHE D 112 37.48 7.16 14.27
N PRO D 113 38.66 7.22 14.90
CA PRO D 113 39.11 6.30 15.95
C PRO D 113 38.20 6.36 17.18
N ASN D 114 37.45 7.43 17.30
CA ASN D 114 36.63 7.62 18.49
C ASN D 114 35.19 7.28 18.23
N PHE D 115 34.91 6.79 17.03
CA PHE D 115 33.54 6.45 16.67
C PHE D 115 33.04 5.23 17.46
N LYS D 116 33.87 4.19 17.58
CA LYS D 116 33.51 3.03 18.41
C LYS D 116 33.08 3.47 19.80
N SER D 117 33.86 4.38 20.38
CA SER D 117 33.64 4.85 21.74
C SER D 117 32.33 5.61 21.83
N LYS D 118 32.08 6.48 20.86
CA LYS D 118 30.85 7.26 20.85
C LYS D 118 29.64 6.38 20.65
N ILE D 119 29.82 5.30 19.89
CA ILE D 119 28.74 4.36 19.67
C ILE D 119 28.39 3.73 20.99
N MET D 120 29.43 3.20 21.64
CA MET D 120 29.29 2.57 22.95
C MET D 120 28.55 3.46 23.96
N ALA D 121 28.97 4.72 24.05
CA ALA D 121 28.32 5.69 24.94
C ALA D 121 26.86 5.95 24.58
N ALA D 122 26.58 6.15 23.29
CA ALA D 122 25.20 6.34 22.85
C ALA D 122 24.37 5.09 23.20
N LEU D 123 25.01 3.93 23.23
CA LEU D 123 24.30 2.68 23.50
C LEU D 123 23.89 2.65 24.97
N SER D 124 24.80 3.04 25.85
CA SER D 124 24.52 3.00 27.28
C SER D 124 23.41 3.97 27.66
N ASN D 125 23.42 5.14 27.05
CA ASN D 125 22.38 6.13 27.26
C ASN D 125 21.01 5.63 26.85
N LEU D 126 20.97 4.73 25.88
CA LEU D 126 19.73 4.10 25.46
C LEU D 126 19.31 2.99 26.44
N ASN D 127 20.25 2.15 26.86
CA ASN D 127 19.93 1.07 27.80
C ASN D 127 19.22 1.68 28.99
N ASP D 128 19.81 2.73 29.53
CA ASP D 128 19.20 3.50 30.60
C ASP D 128 17.90 4.14 30.08
N SER D 129 16.80 3.42 30.26
CA SER D 129 15.50 3.83 29.73
C SER D 129 14.39 2.94 30.27
N SER D 133 10.48 1.34 20.16
CA SER D 133 11.32 2.07 21.10
C SER D 133 12.82 1.85 20.85
N SER D 134 13.60 1.93 21.93
CA SER D 134 15.04 2.08 21.85
C SER D 134 15.83 0.85 21.40
N ASN D 135 15.20 -0.32 21.49
CA ASN D 135 15.86 -1.56 21.06
C ASN D 135 16.27 -1.54 19.58
N ILE D 136 15.49 -0.86 18.74
CA ILE D 136 15.81 -0.80 17.31
C ILE D 136 17.16 -0.14 17.12
N LEU D 137 17.34 1.02 17.74
CA LEU D 137 18.57 1.78 17.62
C LEU D 137 19.75 1.03 18.26
N ILE D 138 19.51 0.43 19.42
CA ILE D 138 20.51 -0.44 20.07
C ILE D 138 21.09 -1.43 19.07
N LYS D 139 20.20 -2.16 18.41
CA LYS D 139 20.58 -3.20 17.45
C LYS D 139 21.40 -2.68 16.27
N ARG D 140 21.06 -1.50 15.77
CA ARG D 140 21.89 -0.88 14.73
C ARG D 140 23.28 -0.61 15.29
N TYR D 141 23.33 -0.09 16.50
CA TYR D 141 24.60 0.19 17.15
C TYR D 141 25.41 -1.09 17.33
N LEU D 142 24.75 -2.16 17.75
CA LEU D 142 25.41 -3.46 17.91
C LEU D 142 25.91 -3.99 16.56
N SER D 143 25.15 -3.72 15.50
CA SER D 143 25.56 -4.14 14.15
C SER D 143 26.83 -3.38 13.71
N ILE D 144 26.82 -2.06 13.84
CA ILE D 144 28.02 -1.27 13.57
C ILE D 144 29.21 -1.83 14.32
N LEU D 145 29.10 -1.95 15.65
CA LEU D 145 30.19 -2.46 16.47
C LEU D 145 30.63 -3.86 16.06
N ASN D 146 29.69 -4.64 15.53
CA ASN D 146 30.01 -6.00 15.07
C ASN D 146 30.74 -6.06 13.73
N GLU D 147 30.59 -5.02 12.92
CA GLU D 147 31.34 -4.89 11.68
C GLU D 147 32.77 -4.38 11.88
N LEU D 148 32.91 -3.33 12.68
CA LEU D 148 34.21 -2.71 12.91
C LEU D 148 35.11 -3.67 13.68
N PRO D 149 36.38 -3.76 13.30
CA PRO D 149 37.22 -4.77 13.96
C PRO D 149 37.45 -4.44 15.45
N VAL D 150 37.83 -5.44 16.24
CA VAL D 150 38.12 -5.21 17.66
C VAL D 150 39.57 -5.54 18.00
N THR D 151 40.26 -4.59 18.58
CA THR D 151 41.65 -4.79 18.97
C THR D 151 41.78 -4.84 20.50
N SER D 152 42.90 -5.35 20.98
CA SER D 152 43.07 -5.57 22.40
C SER D 152 42.91 -4.27 23.19
N GLU D 153 43.17 -3.15 22.54
CA GLU D 153 43.04 -1.86 23.21
C GLU D 153 41.61 -1.31 23.16
N ASP D 154 40.71 -2.05 22.54
CA ASP D 154 39.30 -1.70 22.54
C ASP D 154 38.58 -2.25 23.77
N LEU D 155 39.22 -3.17 24.49
CA LEU D 155 38.54 -3.92 25.56
C LEU D 155 37.92 -3.03 26.61
N PRO D 156 38.66 -2.02 27.07
CA PRO D 156 38.14 -1.07 28.08
C PRO D 156 36.90 -0.33 27.59
N ILE D 157 36.79 -0.08 26.29
CA ILE D 157 35.60 0.55 25.73
C ILE D 157 34.33 -0.31 25.86
N TYR D 158 34.50 -1.63 25.85
CA TYR D 158 33.34 -2.55 25.86
C TYR D 158 33.00 -3.13 27.23
N SER D 159 32.28 -2.36 28.02
CA SER D 159 32.02 -2.74 29.41
C SER D 159 31.13 -3.98 29.50
N THR D 160 31.59 -5.02 30.20
CA THR D 160 30.72 -6.14 30.50
C THR D 160 29.49 -5.61 31.20
N VAL D 161 29.70 -4.68 32.13
CA VAL D 161 28.58 -4.19 32.92
C VAL D 161 27.54 -3.54 32.01
N VAL D 162 27.97 -2.69 31.10
CA VAL D 162 27.06 -2.15 30.09
C VAL D 162 26.38 -3.28 29.32
N LEU D 163 27.18 -4.14 28.69
CA LEU D 163 26.62 -5.17 27.81
C LEU D 163 25.67 -6.12 28.53
N GLN D 164 26.13 -6.68 29.65
CA GLN D 164 25.27 -7.53 30.46
C GLN D 164 23.98 -6.79 30.78
N ASN D 165 24.08 -5.52 31.16
CA ASN D 165 22.86 -4.77 31.50
C ASN D 165 21.86 -4.72 30.33
N VAL D 166 22.37 -4.40 29.14
CA VAL D 166 21.52 -4.28 27.96
C VAL D 166 20.86 -5.61 27.62
N TYR D 167 21.68 -6.65 27.63
CA TYR D 167 21.25 -8.02 27.36
C TYR D 167 20.10 -8.48 28.25
N GLU D 168 20.17 -8.17 29.55
CA GLU D 168 19.10 -8.55 30.48
C GLU D 168 17.86 -7.72 30.27
N ARG D 169 18.04 -6.41 30.18
CA ARG D 169 16.94 -5.47 30.02
C ARG D 169 16.21 -5.64 28.69
N ASN D 170 16.59 -6.65 27.92
CA ASN D 170 15.91 -6.96 26.66
C ASN D 170 15.70 -8.45 26.42
N ASN D 171 15.16 -9.15 27.41
CA ASN D 171 14.99 -10.60 27.30
C ASN D 171 13.99 -10.97 26.22
N LYS D 172 13.06 -10.06 25.95
CA LYS D 172 12.05 -10.32 24.93
C LYS D 172 12.52 -9.87 23.55
N ASP D 173 13.84 -9.83 23.38
CA ASP D 173 14.43 -9.52 22.09
C ASP D 173 15.70 -10.35 21.86
N LYS D 174 15.51 -11.59 21.45
CA LYS D 174 16.65 -12.49 21.28
C LYS D 174 17.56 -12.05 20.12
N GLN D 175 17.00 -11.37 19.12
CA GLN D 175 17.82 -10.74 18.07
C GLN D 175 18.82 -9.73 18.65
N LEU D 176 18.36 -8.89 19.57
CA LEU D 176 19.25 -7.97 20.29
C LEU D 176 20.29 -8.78 21.06
N GLN D 177 19.83 -9.84 21.73
CA GLN D 177 20.68 -10.66 22.59
C GLN D 177 21.76 -11.37 21.79
N ILE D 178 21.36 -11.91 20.64
CA ILE D 178 22.29 -12.58 19.74
C ILE D 178 23.41 -11.63 19.34
N LYS D 179 23.05 -10.40 18.99
CA LYS D 179 24.07 -9.43 18.61
C LYS D 179 24.98 -9.07 19.78
N VAL D 180 24.48 -9.20 21.00
CA VAL D 180 25.35 -8.99 22.15
C VAL D 180 26.38 -10.11 22.27
N LEU D 181 25.91 -11.35 22.22
CA LEU D 181 26.78 -12.50 22.31
C LEU D 181 27.79 -12.51 21.15
N GLU D 182 27.35 -12.10 19.96
CA GLU D 182 28.25 -11.98 18.82
C GLU D 182 29.37 -10.97 19.11
N LEU D 183 29.00 -9.82 19.65
CA LEU D 183 30.00 -8.83 20.08
C LEU D 183 30.95 -9.41 21.13
N ILE D 184 30.42 -10.08 22.15
CA ILE D 184 31.27 -10.68 23.17
C ILE D 184 32.24 -11.64 22.50
N SER D 185 31.72 -12.45 21.58
CA SER D 185 32.55 -13.40 20.84
C SER D 185 33.70 -12.71 20.14
N LYS D 186 33.43 -11.55 19.54
CA LYS D 186 34.49 -10.78 18.91
C LYS D 186 35.48 -10.25 19.93
N ILE D 187 34.98 -9.80 21.07
CA ILE D 187 35.84 -9.21 22.08
C ILE D 187 36.87 -10.24 22.54
N LEU D 188 36.42 -11.47 22.77
CA LEU D 188 37.36 -12.51 23.19
C LEU D 188 38.34 -12.93 22.10
N LYS D 189 37.98 -12.72 20.83
CA LYS D 189 38.87 -13.07 19.71
C LYS D 189 39.79 -11.88 19.38
N ALA D 190 39.65 -10.79 20.12
CA ALA D 190 40.49 -9.62 19.90
C ALA D 190 41.87 -9.92 20.42
N ASP D 191 42.83 -10.09 19.52
CA ASP D 191 42.63 -9.79 18.11
C ASP D 191 43.45 -10.76 17.28
N MET D 192 42.87 -11.91 16.99
CA MET D 192 43.53 -13.01 16.30
C MET D 192 43.00 -13.20 14.87
N ASN D 199 46.53 -17.58 19.05
CA ASN D 199 45.24 -18.12 19.44
C ASN D 199 45.00 -18.13 20.97
N LEU D 200 45.33 -19.24 21.62
CA LEU D 200 44.81 -19.50 22.94
C LEU D 200 45.33 -18.55 24.00
N ILE D 201 46.63 -18.32 24.02
CA ILE D 201 47.21 -17.44 25.01
C ILE D 201 46.62 -16.05 24.88
N LEU D 202 46.26 -15.67 23.66
CA LEU D 202 45.66 -14.37 23.44
C LEU D 202 44.21 -14.35 23.91
N PHE D 203 43.50 -15.43 23.65
CA PHE D 203 42.15 -15.60 24.19
C PHE D 203 42.15 -15.44 25.72
N LYS D 204 43.06 -16.14 26.40
CA LYS D 204 43.14 -16.07 27.85
C LYS D 204 43.40 -14.64 28.30
N ARG D 205 44.38 -13.98 27.70
CA ARG D 205 44.63 -12.54 27.90
C ARG D 205 43.35 -11.69 27.82
N ASN D 206 42.66 -11.73 26.67
CA ASN D 206 41.45 -10.94 26.45
C ASN D 206 40.36 -11.25 27.46
N ALA D 207 40.24 -12.54 27.79
CA ALA D 207 39.23 -12.99 28.71
C ALA D 207 39.46 -12.34 30.08
N GLU D 208 40.64 -12.56 30.64
CA GLU D 208 41.02 -12.01 31.94
C GLU D 208 41.10 -10.47 31.94
N ASN D 209 41.46 -9.87 30.81
CA ASN D 209 41.59 -8.41 30.75
C ASN D 209 40.26 -7.72 30.50
N TRP D 210 39.21 -8.52 30.31
CA TRP D 210 37.87 -8.01 30.05
C TRP D 210 36.92 -8.30 31.20
N SER D 211 37.05 -9.48 31.79
CA SER D 211 36.19 -9.87 32.89
C SER D 211 36.96 -10.68 33.92
N SER D 212 36.64 -10.45 35.19
CA SER D 212 37.27 -11.17 36.30
C SER D 212 36.58 -12.51 36.55
N ASN D 213 35.40 -12.65 35.97
CA ASN D 213 34.63 -13.90 36.10
C ASN D 213 33.64 -14.07 34.93
N LEU D 214 33.88 -15.10 34.11
CA LEU D 214 33.12 -15.24 32.87
C LEU D 214 32.00 -16.28 32.91
N GLN D 215 31.76 -16.81 34.11
CA GLN D 215 30.70 -17.82 34.30
C GLN D 215 29.30 -17.37 33.84
N GLU D 216 28.92 -16.14 34.16
CA GLU D 216 27.59 -15.69 33.74
C GLU D 216 27.42 -15.69 32.22
N TRP D 217 28.36 -15.11 31.49
CA TRP D 217 28.24 -15.07 30.03
C TRP D 217 28.23 -16.47 29.45
N ALA D 218 29.01 -17.36 30.05
CA ALA D 218 29.10 -18.74 29.62
C ALA D 218 27.73 -19.37 29.70
N ASN D 219 27.00 -19.08 30.76
CA ASN D 219 25.65 -19.61 30.88
C ASN D 219 24.78 -19.05 29.76
N GLU D 220 24.98 -17.80 29.43
CA GLU D 220 24.24 -17.19 28.33
C GLU D 220 24.56 -17.83 26.98
N PHE D 221 25.85 -18.03 26.68
CA PHE D 221 26.23 -18.73 25.45
C PHE D 221 25.62 -20.13 25.40
N GLN D 222 25.66 -20.83 26.53
CA GLN D 222 25.13 -22.19 26.58
C GLN D 222 23.64 -22.22 26.26
N GLU D 223 22.89 -21.28 26.85
CA GLU D 223 21.45 -21.18 26.58
C GLU D 223 21.19 -20.94 25.11
N MET D 224 21.82 -19.87 24.60
CA MET D 224 21.50 -19.32 23.29
C MET D 224 21.90 -20.26 22.16
N VAL D 225 23.07 -20.88 22.29
CA VAL D 225 23.54 -21.85 21.29
C VAL D 225 22.57 -23.03 21.20
N GLN D 226 21.64 -23.09 22.13
CA GLN D 226 20.71 -24.21 22.22
C GLN D 226 19.40 -23.81 21.56
N ASN D 227 19.33 -22.55 21.15
CA ASN D 227 18.13 -22.00 20.55
C ASN D 227 17.99 -22.33 19.06
N LYS D 228 16.87 -22.95 18.69
CA LYS D 228 16.66 -23.49 17.35
C LYS D 228 16.27 -22.45 16.30
N SER D 229 16.28 -21.18 16.69
CA SER D 229 16.00 -20.12 15.74
C SER D 229 17.27 -19.38 15.37
N ILE D 230 18.43 -19.88 15.81
CA ILE D 230 19.67 -19.20 15.45
C ILE D 230 20.41 -19.86 14.30
N ASP D 231 21.14 -18.99 13.62
CA ASP D 231 21.98 -19.28 12.48
C ASP D 231 22.98 -20.41 12.71
N GLU D 232 23.42 -21.06 11.64
CA GLU D 232 24.50 -22.05 11.74
C GLU D 232 25.85 -21.38 12.02
N LEU D 233 26.08 -20.22 11.41
CA LEU D 233 27.25 -19.40 11.71
C LEU D 233 27.25 -18.87 13.15
N HIS D 234 26.09 -18.42 13.62
CA HIS D 234 25.88 -18.02 15.00
C HIS D 234 26.09 -19.19 15.96
N THR D 235 25.75 -20.40 15.49
CA THR D 235 25.92 -21.58 16.30
C THR D 235 27.40 -21.87 16.49
N ARG D 236 28.14 -21.80 15.38
CA ARG D 236 29.58 -21.96 15.40
C ARG D 236 30.26 -20.91 16.29
N THR D 237 29.85 -19.65 16.12
CA THR D 237 30.49 -18.57 16.85
C THR D 237 30.39 -18.80 18.35
N PHE D 238 29.17 -18.97 18.82
CA PHE D 238 28.89 -19.23 20.23
C PHE D 238 29.59 -20.51 20.73
N PHE D 239 29.49 -21.59 19.97
CA PHE D 239 30.19 -22.81 20.34
C PHE D 239 31.71 -22.61 20.58
N ASP D 240 32.36 -21.89 19.68
CA ASP D 240 33.81 -21.66 19.70
C ASP D 240 34.30 -20.93 20.95
N THR D 241 33.56 -19.91 21.34
CA THR D 241 33.78 -19.20 22.57
C THR D 241 33.76 -20.20 23.74
N LEU D 242 32.66 -20.93 23.87
CA LEU D 242 32.53 -21.97 24.91
C LEU D 242 33.66 -23.01 24.82
N TYR D 243 34.09 -23.35 23.61
CA TYR D 243 35.19 -24.30 23.43
C TYR D 243 36.50 -23.77 24.01
N ASN D 244 36.89 -22.57 23.59
CA ASN D 244 38.05 -21.89 24.16
C ASN D 244 37.99 -21.72 25.67
N LEU D 245 36.87 -21.21 26.16
CA LEU D 245 36.71 -20.95 27.59
C LEU D 245 36.93 -22.24 28.37
N LYS D 246 36.30 -23.31 27.91
CA LYS D 246 36.43 -24.61 28.58
C LYS D 246 37.85 -25.15 28.41
N LYS D 247 38.42 -24.93 27.23
CA LYS D 247 39.77 -25.40 26.96
C LYS D 247 40.76 -24.73 27.90
N ILE D 248 40.64 -23.41 27.99
CA ILE D 248 41.58 -22.57 28.72
C ILE D 248 41.40 -22.57 30.25
N PHE D 249 40.16 -22.71 30.71
CA PHE D 249 39.89 -22.59 32.14
C PHE D 249 39.45 -23.88 32.83
N LYS D 250 39.02 -24.86 32.04
CA LYS D 250 38.68 -26.19 32.55
C LYS D 250 37.72 -26.16 33.74
N SER D 251 38.18 -26.62 34.90
CA SER D 251 37.39 -26.61 36.13
C SER D 251 36.57 -25.33 36.36
N ASP D 252 37.13 -24.18 35.99
CA ASP D 252 36.60 -22.90 36.43
C ASP D 252 35.46 -22.36 35.57
N ILE D 253 35.12 -23.07 34.51
CA ILE D 253 33.87 -22.82 33.78
C ILE D 253 33.00 -24.07 33.87
N THR D 254 31.81 -23.93 34.44
CA THR D 254 30.93 -25.07 34.60
C THR D 254 30.03 -25.17 33.39
N ILE D 255 29.89 -26.38 32.85
CA ILE D 255 29.04 -26.62 31.69
C ILE D 255 27.82 -27.46 32.08
N ASN D 256 26.65 -26.81 32.20
CA ASN D 256 25.40 -27.50 32.54
C ASN D 256 25.01 -28.54 31.48
N LYS D 257 23.80 -29.08 31.55
CA LYS D 257 23.48 -30.20 30.67
C LYS D 257 22.03 -30.62 30.68
N GLY D 258 21.15 -29.90 29.99
CA GLY D 258 21.50 -28.62 29.37
C GLY D 258 22.30 -28.69 28.10
N PHE D 259 23.42 -27.98 28.12
CA PHE D 259 24.31 -27.89 26.99
C PHE D 259 24.85 -29.27 26.57
N LEU D 260 25.32 -30.07 27.52
CA LEU D 260 25.92 -31.36 27.19
C LEU D 260 24.96 -32.33 26.49
N ASN D 261 23.66 -32.22 26.74
CA ASN D 261 22.70 -33.03 26.01
C ASN D 261 22.59 -32.51 24.60
N TRP D 262 22.32 -31.22 24.48
CA TRP D 262 22.33 -30.58 23.18
C TRP D 262 23.60 -30.98 22.42
N LEU D 263 24.75 -30.92 23.08
CA LEU D 263 26.01 -31.25 22.42
C LEU D 263 25.97 -32.67 21.85
N ALA D 264 25.49 -33.61 22.67
CA ALA D 264 25.35 -35.01 22.27
C ALA D 264 24.38 -35.15 21.09
N GLN D 265 23.17 -34.62 21.25
CA GLN D 265 22.19 -34.62 20.17
C GLN D 265 22.81 -34.04 18.92
N GLN D 266 23.84 -33.23 19.10
CA GLN D 266 24.44 -32.54 17.98
C GLN D 266 25.57 -33.37 17.34
N CYS D 267 26.21 -34.22 18.13
CA CYS D 267 27.30 -35.06 17.63
C CYS D 267 26.81 -36.00 16.54
N LYS D 268 25.72 -36.72 16.80
CA LYS D 268 25.17 -37.62 15.79
C LYS D 268 24.85 -36.88 14.51
N ALA D 269 23.91 -35.95 14.60
CA ALA D 269 23.49 -35.15 13.45
C ALA D 269 24.66 -34.81 12.53
N ARG D 270 25.74 -34.31 13.10
CA ARG D 270 26.85 -33.78 12.30
C ARG D 270 27.84 -34.87 11.88
N GLN D 271 28.02 -35.87 12.74
CA GLN D 271 28.82 -37.03 12.36
C GLN D 271 28.17 -37.77 11.18
N SER D 272 26.86 -37.99 11.27
CA SER D 272 26.12 -38.61 10.18
C SER D 272 26.20 -37.79 8.90
N ASN D 273 26.34 -36.47 9.05
CA ASN D 273 26.52 -35.60 7.90
C ASN D 273 27.92 -35.74 7.29
N LEU D 274 28.89 -36.07 8.16
CA LEU D 274 30.25 -36.30 7.72
C LEU D 274 30.34 -37.65 7.02
N ASP D 275 29.29 -38.45 7.22
CA ASP D 275 29.21 -39.81 6.67
C ASP D 275 28.14 -39.91 5.58
N ASN D 276 28.36 -39.25 4.45
CA ASN D 276 27.36 -39.27 3.38
C ASN D 276 27.80 -40.01 2.12
N GLY D 277 26.87 -40.76 1.55
CA GLY D 277 27.14 -41.63 0.42
C GLY D 277 27.76 -40.95 -0.79
N LEU D 278 27.80 -39.62 -0.74
CA LEU D 278 28.49 -38.84 -1.77
C LEU D 278 28.95 -37.49 -1.22
N GLN D 279 29.92 -36.90 -1.91
CA GLN D 279 30.65 -35.74 -1.44
C GLN D 279 30.27 -34.49 -2.21
N GLU D 280 30.63 -33.33 -1.68
CA GLU D 280 30.49 -32.09 -2.43
C GLU D 280 31.79 -31.28 -2.56
N ARG D 281 32.33 -30.72 -1.46
CA ARG D 281 31.75 -30.74 -0.12
C ARG D 281 32.10 -29.42 0.55
N ASP D 282 31.74 -29.24 1.82
CA ASP D 282 31.87 -27.92 2.44
C ASP D 282 33.16 -27.68 3.25
N THR D 283 33.94 -28.72 3.50
CA THR D 283 35.22 -28.58 4.21
C THR D 283 35.17 -27.69 5.45
N GLU D 284 34.85 -26.40 5.28
CA GLU D 284 34.61 -25.54 6.44
C GLU D 284 33.59 -26.22 7.34
N GLN D 285 32.43 -26.54 6.78
CA GLN D 285 31.40 -27.25 7.53
C GLN D 285 31.96 -28.49 8.20
N ASP D 286 32.55 -29.37 7.38
CA ASP D 286 33.12 -30.63 7.87
C ASP D 286 34.22 -30.44 8.92
N SER D 287 35.11 -29.47 8.69
CA SER D 287 36.13 -29.13 9.66
C SER D 287 35.50 -28.83 11.02
N PHE D 288 34.42 -28.05 11.00
CA PHE D 288 33.73 -27.69 12.22
C PHE D 288 33.02 -28.86 12.89
N ASP D 289 32.34 -29.68 12.09
CA ASP D 289 31.63 -30.84 12.60
C ASP D 289 32.57 -31.78 13.37
N LYS D 290 33.76 -32.00 12.83
CA LYS D 290 34.79 -32.80 13.50
C LYS D 290 35.20 -32.14 14.81
N LYS D 291 35.38 -30.83 14.79
CA LYS D 291 35.82 -30.12 15.98
C LYS D 291 34.79 -30.33 17.10
N LEU D 292 33.52 -30.15 16.77
CA LEU D 292 32.44 -30.30 17.75
C LEU D 292 32.33 -31.74 18.27
N ILE D 293 32.31 -32.70 17.34
CA ILE D 293 32.28 -34.11 17.70
C ILE D 293 33.37 -34.47 18.71
N ASP D 294 34.62 -34.19 18.36
CA ASP D 294 35.77 -34.54 19.18
C ASP D 294 35.83 -33.72 20.47
N SER D 295 35.16 -32.57 20.49
CA SER D 295 35.08 -31.74 21.68
C SER D 295 34.42 -32.47 22.84
N ARG D 296 33.61 -33.47 22.54
CA ARG D 296 32.86 -34.16 23.58
C ARG D 296 33.79 -35.01 24.44
N HIS D 297 34.89 -35.48 23.84
CA HIS D 297 35.91 -36.24 24.57
C HIS D 297 37.17 -35.44 24.90
N LEU D 298 37.55 -34.52 24.04
CA LEU D 298 38.80 -33.79 24.26
C LEU D 298 38.65 -32.66 25.26
N ILE D 299 37.47 -32.04 25.31
CA ILE D 299 37.28 -30.82 26.06
C ILE D 299 36.17 -30.85 27.12
N PHE D 300 34.94 -31.17 26.69
CA PHE D 300 33.77 -31.04 27.56
C PHE D 300 33.55 -32.21 28.53
#